data_227D
# 
_entry.id   227D 
# 
_audit_conform.dict_name       mmcif_pdbx.dic 
_audit_conform.dict_version    5.387 
_audit_conform.dict_location   http://mmcif.pdb.org/dictionaries/ascii/mmcif_pdbx.dic 
# 
loop_
_database_2.database_id 
_database_2.database_code 
_database_2.pdbx_database_accession 
_database_2.pdbx_DOI 
PDB   227D         pdb_0000227d 10.2210/pdb227d/pdb 
RCSB  GDL036       ?            ?                   
WWPDB D_1000177604 ?            ?                   
# 
loop_
_pdbx_audit_revision_history.ordinal 
_pdbx_audit_revision_history.data_content_type 
_pdbx_audit_revision_history.major_revision 
_pdbx_audit_revision_history.minor_revision 
_pdbx_audit_revision_history.revision_date 
1 'Structure model' 1 0 1995-11-11 
2 'Structure model' 1 1 2008-05-22 
3 'Structure model' 1 2 2011-07-13 
4 'Structure model' 1 3 2024-02-14 
# 
_pdbx_audit_revision_details.ordinal             1 
_pdbx_audit_revision_details.revision_ordinal    1 
_pdbx_audit_revision_details.data_content_type   'Structure model' 
_pdbx_audit_revision_details.provider            repository 
_pdbx_audit_revision_details.type                'Initial release' 
_pdbx_audit_revision_details.description         ? 
_pdbx_audit_revision_details.details             ? 
# 
loop_
_pdbx_audit_revision_group.ordinal 
_pdbx_audit_revision_group.revision_ordinal 
_pdbx_audit_revision_group.data_content_type 
_pdbx_audit_revision_group.group 
1 2 'Structure model' 'Version format compliance' 
2 3 'Structure model' 'Version format compliance' 
3 4 'Structure model' 'Data collection'           
4 4 'Structure model' 'Database references'       
5 4 'Structure model' 'Derived calculations'      
# 
loop_
_pdbx_audit_revision_category.ordinal 
_pdbx_audit_revision_category.revision_ordinal 
_pdbx_audit_revision_category.data_content_type 
_pdbx_audit_revision_category.category 
1 4 'Structure model' chem_comp_atom 
2 4 'Structure model' chem_comp_bond 
3 4 'Structure model' database_2     
4 4 'Structure model' struct_site    
# 
loop_
_pdbx_audit_revision_item.ordinal 
_pdbx_audit_revision_item.revision_ordinal 
_pdbx_audit_revision_item.data_content_type 
_pdbx_audit_revision_item.item 
1 4 'Structure model' '_database_2.pdbx_DOI'                
2 4 'Structure model' '_database_2.pdbx_database_accession' 
3 4 'Structure model' '_struct_site.pdbx_auth_asym_id'      
4 4 'Structure model' '_struct_site.pdbx_auth_comp_id'      
5 4 'Structure model' '_struct_site.pdbx_auth_seq_id'       
# 
_pdbx_database_status.status_code                     REL 
_pdbx_database_status.entry_id                        227D 
_pdbx_database_status.recvd_initial_deposition_date   1995-08-08 
_pdbx_database_status.deposit_site                    BNL 
_pdbx_database_status.process_site                    NDB 
_pdbx_database_status.status_code_sf                  REL 
_pdbx_database_status.status_code_mr                  ? 
_pdbx_database_status.SG_entry                        ? 
_pdbx_database_status.pdb_format_compatible           Y 
_pdbx_database_status.status_code_cs                  ? 
_pdbx_database_status.status_code_nmr_data            ? 
_pdbx_database_status.methods_development_category    ? 
# 
loop_
_audit_author.name 
_audit_author.pdbx_ordinal 
'Laughton, C.A.' 1 
'Tanious, F.'    2 
'Nunn, C.M.'     3 
'Boykin, D.W.'   4 
'Wilson, W.D.'   5 
'Neidle, S.'     6 
# 
loop_
_citation.id 
_citation.title 
_citation.journal_abbrev 
_citation.journal_volume 
_citation.page_first 
_citation.page_last 
_citation.year 
_citation.journal_id_ASTM 
_citation.country 
_citation.journal_id_ISSN 
_citation.journal_id_CSD 
_citation.book_publisher 
_citation.pdbx_database_id_PubMed 
_citation.pdbx_database_id_DOI 
primary 
;A crystallographic and spectroscopic study of the complex between d(CGCGAATTCGCG)2 and 2,5-bis(4-guanylphenyl)furan, an analogue of berenil. Structural origins of enhanced DNA-binding affinity.
;
Biochemistry 35 5655 5661 1996 BICHAW US 0006-2960 0033 ? 8639524 10.1021/bi952162r 
1       'Dicationic Diarylfurans as Anti-Pneumocystis Carinii Agents' J.Med.Chem.  38 912  916  1995 JMCMAR US 0022-2623 0151 ? ? 
?                 
# 
loop_
_citation_author.citation_id 
_citation_author.name 
_citation_author.ordinal 
_citation_author.identifier_ORCID 
primary 'Laughton, C.A.' 1  ? 
primary 'Tanious, F.'    2  ? 
primary 'Nunn, C.M.'     3  ? 
primary 'Boykin, D.W.'   4  ? 
primary 'Wilson, W.D.'   5  ? 
primary 'Neidle, S.'     6  ? 
1       'Boykin, D.W.'   7  ? 
1       'Kumar, A.'      8  ? 
1       'Spychala, J.'   9  ? 
1       'Zhou, M.'       10 ? 
1       'Lombardy, R.J.' 11 ? 
1       'Wilson, W.D.'   12 ? 
1       'Dykstra, C.C.'  13 ? 
1       'Jones, S.K.'    14 ? 
1       'Hall, J.E.'     15 ? 
1       'Tidwell, R.R.'  16 ? 
1       'Laughton, C.'   17 ? 
1       'Nunn, C.M.'     18 ? 
1       'Neidle, S.'     19 ? 
# 
loop_
_entity.id 
_entity.type 
_entity.src_method 
_entity.pdbx_description 
_entity.formula_weight 
_entity.pdbx_number_of_molecules 
_entity.pdbx_ec 
_entity.pdbx_mutation 
_entity.pdbx_fragment 
_entity.details 
1 polymer     syn 
;DNA (5'-D(*CP*GP*CP*GP*AP*AP*TP*TP*CP*GP*CP*G)-3')
;
3663.392 2  ? ? ? ? 
2 non-polymer syn '2,5-BIS(4-GUANYLPHENYL)FURAN'                       306.362  1  ? ? ? ? 
3 water       nat water                                                18.015   54 ? ? ? ? 
# 
_entity_poly.entity_id                      1 
_entity_poly.type                           polydeoxyribonucleotide 
_entity_poly.nstd_linkage                   no 
_entity_poly.nstd_monomer                   no 
_entity_poly.pdbx_seq_one_letter_code       '(DC)(DG)(DC)(DG)(DA)(DA)(DT)(DT)(DC)(DG)(DC)(DG)' 
_entity_poly.pdbx_seq_one_letter_code_can   CGCGAATTCGCG 
_entity_poly.pdbx_strand_id                 A,B 
_entity_poly.pdbx_target_identifier         ? 
# 
loop_
_pdbx_entity_nonpoly.entity_id 
_pdbx_entity_nonpoly.name 
_pdbx_entity_nonpoly.comp_id 
2 '2,5-BIS(4-GUANYLPHENYL)FURAN' BGF 
3 water                          HOH 
# 
loop_
_entity_poly_seq.entity_id 
_entity_poly_seq.num 
_entity_poly_seq.mon_id 
_entity_poly_seq.hetero 
1 1  DC n 
1 2  DG n 
1 3  DC n 
1 4  DG n 
1 5  DA n 
1 6  DA n 
1 7  DT n 
1 8  DT n 
1 9  DC n 
1 10 DG n 
1 11 DC n 
1 12 DG n 
# 
loop_
_chem_comp.id 
_chem_comp.type 
_chem_comp.mon_nstd_flag 
_chem_comp.name 
_chem_comp.pdbx_synonyms 
_chem_comp.formula 
_chem_comp.formula_weight 
BGF non-polymer   . '2,5-BIS(4-GUANYLPHENYL)FURAN'       ? 'C18 H18 N4 O 2'  306.362 
DA  'DNA linking' y "2'-DEOXYADENOSINE-5'-MONOPHOSPHATE" ? 'C10 H14 N5 O6 P' 331.222 
DC  'DNA linking' y "2'-DEOXYCYTIDINE-5'-MONOPHOSPHATE"  ? 'C9 H14 N3 O7 P'  307.197 
DG  'DNA linking' y "2'-DEOXYGUANOSINE-5'-MONOPHOSPHATE" ? 'C10 H14 N5 O7 P' 347.221 
DT  'DNA linking' y "THYMIDINE-5'-MONOPHOSPHATE"         ? 'C10 H15 N2 O8 P' 322.208 
HOH non-polymer   . WATER                                ? 'H2 O'            18.015  
# 
loop_
_pdbx_poly_seq_scheme.asym_id 
_pdbx_poly_seq_scheme.entity_id 
_pdbx_poly_seq_scheme.seq_id 
_pdbx_poly_seq_scheme.mon_id 
_pdbx_poly_seq_scheme.ndb_seq_num 
_pdbx_poly_seq_scheme.pdb_seq_num 
_pdbx_poly_seq_scheme.auth_seq_num 
_pdbx_poly_seq_scheme.pdb_mon_id 
_pdbx_poly_seq_scheme.auth_mon_id 
_pdbx_poly_seq_scheme.pdb_strand_id 
_pdbx_poly_seq_scheme.pdb_ins_code 
_pdbx_poly_seq_scheme.hetero 
A 1 1  DC 1  1  1  DC C A . n 
A 1 2  DG 2  2  2  DG G A . n 
A 1 3  DC 3  3  3  DC C A . n 
A 1 4  DG 4  4  4  DG G A . n 
A 1 5  DA 5  5  5  DA A A . n 
A 1 6  DA 6  6  6  DA A A . n 
A 1 7  DT 7  7  7  DT T A . n 
A 1 8  DT 8  8  8  DT T A . n 
A 1 9  DC 9  9  9  DC C A . n 
A 1 10 DG 10 10 10 DG G A . n 
A 1 11 DC 11 11 11 DC C A . n 
A 1 12 DG 12 12 12 DG G A . n 
B 1 1  DC 1  13 13 DC C B . n 
B 1 2  DG 2  14 14 DG G B . n 
B 1 3  DC 3  15 15 DC C B . n 
B 1 4  DG 4  16 16 DG G B . n 
B 1 5  DA 5  17 17 DA A B . n 
B 1 6  DA 6  18 18 DA A B . n 
B 1 7  DT 7  19 19 DT T B . n 
B 1 8  DT 8  20 20 DT T B . n 
B 1 9  DC 9  21 21 DC C B . n 
B 1 10 DG 10 22 22 DG G B . n 
B 1 11 DC 11 23 23 DC C B . n 
B 1 12 DG 12 24 24 DG G B . n 
# 
loop_
_pdbx_nonpoly_scheme.asym_id 
_pdbx_nonpoly_scheme.entity_id 
_pdbx_nonpoly_scheme.mon_id 
_pdbx_nonpoly_scheme.ndb_seq_num 
_pdbx_nonpoly_scheme.pdb_seq_num 
_pdbx_nonpoly_scheme.auth_seq_num 
_pdbx_nonpoly_scheme.pdb_mon_id 
_pdbx_nonpoly_scheme.auth_mon_id 
_pdbx_nonpoly_scheme.pdb_strand_id 
_pdbx_nonpoly_scheme.pdb_ins_code 
C 2 BGF 1  25 25 BGF BGF A . 
D 3 HOH 1  27 27 HOH HOH A . 
D 3 HOH 2  29 29 HOH HOH A . 
D 3 HOH 3  30 30 HOH HOH A . 
D 3 HOH 4  31 31 HOH HOH A . 
D 3 HOH 5  33 33 HOH HOH A . 
D 3 HOH 6  34 34 HOH HOH A . 
D 3 HOH 7  40 40 HOH HOH A . 
D 3 HOH 8  41 41 HOH HOH A . 
D 3 HOH 9  42 42 HOH HOH A . 
D 3 HOH 10 43 43 HOH HOH A . 
D 3 HOH 11 47 47 HOH HOH A . 
D 3 HOH 12 49 49 HOH HOH A . 
D 3 HOH 13 50 50 HOH HOH A . 
D 3 HOH 14 51 51 HOH HOH A . 
D 3 HOH 15 52 52 HOH HOH A . 
D 3 HOH 16 53 53 HOH HOH A . 
D 3 HOH 17 55 55 HOH HOH A . 
D 3 HOH 18 56 56 HOH HOH A . 
D 3 HOH 19 57 57 HOH HOH A . 
D 3 HOH 20 58 58 HOH HOH A . 
D 3 HOH 21 59 59 HOH HOH A . 
D 3 HOH 22 63 63 HOH HOH A . 
D 3 HOH 23 64 64 HOH HOH A . 
D 3 HOH 24 65 65 HOH HOH A . 
D 3 HOH 25 66 66 HOH HOH A . 
D 3 HOH 26 67 67 HOH HOH A . 
D 3 HOH 27 69 69 HOH HOH A . 
D 3 HOH 28 70 70 HOH HOH A . 
D 3 HOH 29 71 71 HOH HOH A . 
D 3 HOH 30 73 73 HOH HOH A . 
D 3 HOH 31 74 74 HOH HOH A . 
D 3 HOH 32 76 76 HOH HOH A . 
D 3 HOH 33 77 77 HOH HOH A . 
D 3 HOH 34 79 79 HOH HOH A . 
E 3 HOH 1  26 26 HOH HOH B . 
E 3 HOH 2  28 28 HOH HOH B . 
E 3 HOH 3  32 32 HOH HOH B . 
E 3 HOH 4  35 35 HOH HOH B . 
E 3 HOH 5  36 36 HOH HOH B . 
E 3 HOH 6  37 37 HOH HOH B . 
E 3 HOH 7  38 38 HOH HOH B . 
E 3 HOH 8  39 39 HOH HOH B . 
E 3 HOH 9  44 44 HOH HOH B . 
E 3 HOH 10 45 45 HOH HOH B . 
E 3 HOH 11 46 46 HOH HOH B . 
E 3 HOH 12 48 48 HOH HOH B . 
E 3 HOH 13 54 54 HOH HOH B . 
E 3 HOH 14 60 60 HOH HOH B . 
E 3 HOH 15 61 61 HOH HOH B . 
E 3 HOH 16 62 62 HOH HOH B . 
E 3 HOH 17 68 68 HOH HOH B . 
E 3 HOH 18 72 72 HOH HOH B . 
E 3 HOH 19 75 75 HOH HOH B . 
E 3 HOH 20 78 78 HOH HOH B . 
# 
_software.name             X-PLOR 
_software.classification   refinement 
_software.version          . 
_software.citation_id      ? 
_software.pdbx_ordinal     1 
# 
_cell.entry_id           227D 
_cell.length_a           25.280 
_cell.length_b           40.690 
_cell.length_c           66.730 
_cell.angle_alpha        90.00 
_cell.angle_beta         90.00 
_cell.angle_gamma        90.00 
_cell.Z_PDB              8 
_cell.pdbx_unique_axis   ? 
# 
_symmetry.entry_id                         227D 
_symmetry.space_group_name_H-M             'P 21 21 21' 
_symmetry.pdbx_full_space_group_name_H-M   ? 
_symmetry.cell_setting                     ? 
_symmetry.Int_Tables_number                19 
# 
_exptl.entry_id          227D 
_exptl.method            'X-RAY DIFFRACTION' 
_exptl.crystals_number   ? 
# 
_exptl_crystal.id                    1 
_exptl_crystal.density_meas          ? 
_exptl_crystal.density_Matthews      2.34 
_exptl_crystal.density_percent_sol   47.48 
_exptl_crystal.description           ? 
# 
_exptl_crystal_grow.crystal_id      1 
_exptl_crystal_grow.method          'VAPOR DIFFUSION, SITTING DROP' 
_exptl_crystal_grow.temp            286.00 
_exptl_crystal_grow.temp_details    ? 
_exptl_crystal_grow.pH              7.00 
_exptl_crystal_grow.pdbx_details    'pH 7.00, VAPOR DIFFUSION, SITTING DROP, temperature 286.00K' 
_exptl_crystal_grow.pdbx_pH_range   ? 
# 
loop_
_exptl_crystal_grow_comp.crystal_id 
_exptl_crystal_grow_comp.id 
_exptl_crystal_grow_comp.sol_id 
_exptl_crystal_grow_comp.name 
_exptl_crystal_grow_comp.volume 
_exptl_crystal_grow_comp.conc 
_exptl_crystal_grow_comp.details 
1 1 1 WATER           ? ? ? 
1 2 1 MPD             ? ? ? 
1 3 1 MGCL2           ? ? ? 
1 4 1 SPERMINE        ? ? ? 
1 5 1 'NA CACODYLATE' ? ? ? 
1 6 2 WATER           ? ? ? 
1 7 2 MPD             ? ? ? 
# 
_diffrn.id                     1 
_diffrn.ambient_temp           287.00 
_diffrn.ambient_temp_details   ? 
_diffrn.crystal_id             1 
# 
_diffrn_detector.diffrn_id              1 
_diffrn_detector.detector               'AREA DETECTOR' 
_diffrn_detector.type                   XENTRONICS 
_diffrn_detector.pdbx_collection_date   ? 
_diffrn_detector.details                ? 
# 
_diffrn_radiation.diffrn_id                        1 
_diffrn_radiation.wavelength_id                    1 
_diffrn_radiation.pdbx_monochromatic_or_laue_m_l   ? 
_diffrn_radiation.monochromator                    ? 
_diffrn_radiation.pdbx_diffrn_protocol             ? 
_diffrn_radiation.pdbx_scattering_type             x-ray 
# 
_diffrn_radiation_wavelength.id           1 
_diffrn_radiation_wavelength.wavelength   1.5418 
_diffrn_radiation_wavelength.wt           1.0 
# 
_diffrn_source.diffrn_id                   1 
_diffrn_source.source                      'ROTATING ANODE' 
_diffrn_source.type                        ? 
_diffrn_source.pdbx_synchrotron_site       ? 
_diffrn_source.pdbx_synchrotron_beamline   ? 
_diffrn_source.pdbx_wavelength             1.5418 
_diffrn_source.pdbx_wavelength_list        ? 
# 
_reflns.entry_id                     227D 
_reflns.observed_criterion_sigma_I   ? 
_reflns.observed_criterion_sigma_F   ? 
_reflns.d_resolution_low             ? 
_reflns.d_resolution_high            2.200 
_reflns.number_obs                   3472 
_reflns.number_all                   3693 
_reflns.percent_possible_obs         ? 
_reflns.pdbx_Rmerge_I_obs            ? 
_reflns.pdbx_Rsym_value              ? 
_reflns.pdbx_netI_over_sigmaI        ? 
_reflns.B_iso_Wilson_estimate        ? 
_reflns.pdbx_redundancy              ? 
_reflns.pdbx_diffrn_id               1 
_reflns.pdbx_ordinal                 1 
# 
_refine.entry_id                                 227D 
_refine.ls_number_reflns_obs                     2475 
_refine.ls_number_reflns_all                     ? 
_refine.pdbx_ls_sigma_I                          ? 
_refine.pdbx_ls_sigma_F                          2.000 
_refine.pdbx_data_cutoff_high_absF               ? 
_refine.pdbx_data_cutoff_low_absF                ? 
_refine.pdbx_data_cutoff_high_rms_absF           ? 
_refine.ls_d_res_low                             8.000 
_refine.ls_d_res_high                            2.200 
_refine.ls_percent_reflns_obs                    86.000 
_refine.ls_R_factor_obs                          0.1790000 
_refine.ls_R_factor_all                          ? 
_refine.ls_R_factor_R_work                       0.1790000 
_refine.ls_R_factor_R_free                       ? 
_refine.ls_R_factor_R_free_error                 ? 
_refine.ls_R_factor_R_free_error_details         ? 
_refine.ls_percent_reflns_R_free                 ? 
_refine.ls_number_reflns_R_free                  ? 
_refine.ls_number_parameters                     ? 
_refine.ls_number_restraints                     ? 
_refine.occupancy_min                            ? 
_refine.occupancy_max                            ? 
_refine.B_iso_mean                               ? 
_refine.aniso_B[1][1]                            ? 
_refine.aniso_B[2][2]                            ? 
_refine.aniso_B[3][3]                            ? 
_refine.aniso_B[1][2]                            ? 
_refine.aniso_B[1][3]                            ? 
_refine.aniso_B[2][3]                            ? 
_refine.solvent_model_details                    ? 
_refine.solvent_model_param_ksol                 ? 
_refine.solvent_model_param_bsol                 ? 
_refine.pdbx_ls_cross_valid_method               ? 
_refine.details                                  ? 
_refine.pdbx_starting_model                      ? 
_refine.pdbx_method_to_determine_struct          ? 
_refine.pdbx_isotropic_thermal_model             ? 
_refine.pdbx_stereochemistry_target_values       ? 
_refine.pdbx_stereochem_target_val_spec_case     ? 
_refine.pdbx_R_Free_selection_details            ? 
_refine.pdbx_overall_ESU_R                       ? 
_refine.pdbx_overall_ESU_R_Free                  ? 
_refine.overall_SU_ML                            ? 
_refine.overall_SU_B                             ? 
_refine.pdbx_refine_id                           'X-RAY DIFFRACTION' 
_refine.pdbx_diffrn_id                           1 
_refine.pdbx_TLS_residual_ADP_flag               ? 
_refine.correlation_coeff_Fo_to_Fc               ? 
_refine.correlation_coeff_Fo_to_Fc_free          ? 
_refine.pdbx_solvent_vdw_probe_radii             ? 
_refine.pdbx_solvent_ion_probe_radii             ? 
_refine.pdbx_solvent_shrinkage_radii             ? 
_refine.pdbx_overall_phase_error                 ? 
_refine.overall_SU_R_Cruickshank_DPI             ? 
_refine.pdbx_overall_SU_R_free_Cruickshank_DPI   ? 
_refine.pdbx_overall_SU_R_Blow_DPI               ? 
_refine.pdbx_overall_SU_R_free_Blow_DPI          ? 
# 
_refine_hist.pdbx_refine_id                   'X-RAY DIFFRACTION' 
_refine_hist.cycle_id                         LAST 
_refine_hist.pdbx_number_atoms_protein        0 
_refine_hist.pdbx_number_atoms_nucleic_acid   486 
_refine_hist.pdbx_number_atoms_ligand         23 
_refine_hist.number_atoms_solvent             54 
_refine_hist.number_atoms_total               563 
_refine_hist.d_res_high                       2.200 
_refine_hist.d_res_low                        8.000 
# 
loop_
_refine_ls_restr.type 
_refine_ls_restr.dev_ideal 
_refine_ls_restr.dev_ideal_target 
_refine_ls_restr.weight 
_refine_ls_restr.number 
_refine_ls_restr.pdbx_refine_id 
_refine_ls_restr.pdbx_restraint_function 
x_bond_d                0.024 ? ? ? 'X-RAY DIFFRACTION' ? 
x_bond_d_na             ?     ? ? ? 'X-RAY DIFFRACTION' ? 
x_bond_d_prot           ?     ? ? ? 'X-RAY DIFFRACTION' ? 
x_angle_d               ?     ? ? ? 'X-RAY DIFFRACTION' ? 
x_angle_d_na            ?     ? ? ? 'X-RAY DIFFRACTION' ? 
x_angle_d_prot          ?     ? ? ? 'X-RAY DIFFRACTION' ? 
x_angle_deg             4.00  ? ? ? 'X-RAY DIFFRACTION' ? 
x_angle_deg_na          ?     ? ? ? 'X-RAY DIFFRACTION' ? 
x_angle_deg_prot        ?     ? ? ? 'X-RAY DIFFRACTION' ? 
x_dihedral_angle_d      ?     ? ? ? 'X-RAY DIFFRACTION' ? 
x_dihedral_angle_d_na   ?     ? ? ? 'X-RAY DIFFRACTION' ? 
x_dihedral_angle_d_prot ?     ? ? ? 'X-RAY DIFFRACTION' ? 
x_improper_angle_d      ?     ? ? ? 'X-RAY DIFFRACTION' ? 
x_improper_angle_d_na   ?     ? ? ? 'X-RAY DIFFRACTION' ? 
x_improper_angle_d_prot ?     ? ? ? 'X-RAY DIFFRACTION' ? 
x_mcbond_it             ?     ? ? ? 'X-RAY DIFFRACTION' ? 
x_mcangle_it            ?     ? ? ? 'X-RAY DIFFRACTION' ? 
x_scbond_it             ?     ? ? ? 'X-RAY DIFFRACTION' ? 
x_scangle_it            ?     ? ? ? 'X-RAY DIFFRACTION' ? 
# 
_struct.entry_id                  227D 
_struct.title                     
;A CRYSTALLOGRAPHIC AND SPECTROSCOPIC STUDY OF THE COMPLEX BETWEEN D(CGCGAATTCGCG)2 AND 2,5-BIS(4-GUANYLPHENYL)FURAN, AN ANALOGUE OF BERENIL. STRUCTURAL ORIGINS OF ENHANCED DNA-BINDING AFFINITY
;
_struct.pdbx_model_details        ? 
_struct.pdbx_CASP_flag            ? 
_struct.pdbx_model_type_details   ? 
# 
_struct_keywords.entry_id        227D 
_struct_keywords.pdbx_keywords   DNA 
_struct_keywords.text            'B-DNA, DOUBLE HELIX, COMPLEXED WITH DRUG, DNA' 
# 
loop_
_struct_asym.id 
_struct_asym.pdbx_blank_PDB_chainid_flag 
_struct_asym.pdbx_modified 
_struct_asym.entity_id 
_struct_asym.details 
A N N 1 ? 
B N N 1 ? 
C N N 2 ? 
D N N 3 ? 
E N N 3 ? 
# 
_struct_ref.id                         1 
_struct_ref.entity_id                  1 
_struct_ref.db_name                    PDB 
_struct_ref.db_code                    227D 
_struct_ref.pdbx_db_accession          227D 
_struct_ref.pdbx_db_isoform            ? 
_struct_ref.pdbx_seq_one_letter_code   ? 
_struct_ref.pdbx_align_begin           ? 
# 
loop_
_struct_ref_seq.align_id 
_struct_ref_seq.ref_id 
_struct_ref_seq.pdbx_PDB_id_code 
_struct_ref_seq.pdbx_strand_id 
_struct_ref_seq.seq_align_beg 
_struct_ref_seq.pdbx_seq_align_beg_ins_code 
_struct_ref_seq.seq_align_end 
_struct_ref_seq.pdbx_seq_align_end_ins_code 
_struct_ref_seq.pdbx_db_accession 
_struct_ref_seq.db_align_beg 
_struct_ref_seq.pdbx_db_align_beg_ins_code 
_struct_ref_seq.db_align_end 
_struct_ref_seq.pdbx_db_align_end_ins_code 
_struct_ref_seq.pdbx_auth_seq_align_beg 
_struct_ref_seq.pdbx_auth_seq_align_end 
1 1 227D A 1 ? 12 ? 227D 1  ? 12 ? 1  12 
2 1 227D B 1 ? 12 ? 227D 13 ? 24 ? 13 24 
# 
_pdbx_struct_assembly.id                   1 
_pdbx_struct_assembly.details              author_defined_assembly 
_pdbx_struct_assembly.method_details       ? 
_pdbx_struct_assembly.oligomeric_details   dimeric 
_pdbx_struct_assembly.oligomeric_count     2 
# 
_pdbx_struct_assembly_gen.assembly_id       1 
_pdbx_struct_assembly_gen.oper_expression   1 
_pdbx_struct_assembly_gen.asym_id_list      A,B,C,D,E 
# 
_pdbx_struct_oper_list.id                   1 
_pdbx_struct_oper_list.type                 'identity operation' 
_pdbx_struct_oper_list.name                 1_555 
_pdbx_struct_oper_list.symmetry_operation   x,y,z 
_pdbx_struct_oper_list.matrix[1][1]         1.0000000000 
_pdbx_struct_oper_list.matrix[1][2]         0.0000000000 
_pdbx_struct_oper_list.matrix[1][3]         0.0000000000 
_pdbx_struct_oper_list.vector[1]            0.0000000000 
_pdbx_struct_oper_list.matrix[2][1]         0.0000000000 
_pdbx_struct_oper_list.matrix[2][2]         1.0000000000 
_pdbx_struct_oper_list.matrix[2][3]         0.0000000000 
_pdbx_struct_oper_list.vector[2]            0.0000000000 
_pdbx_struct_oper_list.matrix[3][1]         0.0000000000 
_pdbx_struct_oper_list.matrix[3][2]         0.0000000000 
_pdbx_struct_oper_list.matrix[3][3]         1.0000000000 
_pdbx_struct_oper_list.vector[3]            0.0000000000 
# 
_struct_biol.id   1 
# 
loop_
_struct_conn.id 
_struct_conn.conn_type_id 
_struct_conn.pdbx_leaving_atom_flag 
_struct_conn.pdbx_PDB_id 
_struct_conn.ptnr1_label_asym_id 
_struct_conn.ptnr1_label_comp_id 
_struct_conn.ptnr1_label_seq_id 
_struct_conn.ptnr1_label_atom_id 
_struct_conn.pdbx_ptnr1_label_alt_id 
_struct_conn.pdbx_ptnr1_PDB_ins_code 
_struct_conn.pdbx_ptnr1_standard_comp_id 
_struct_conn.ptnr1_symmetry 
_struct_conn.ptnr2_label_asym_id 
_struct_conn.ptnr2_label_comp_id 
_struct_conn.ptnr2_label_seq_id 
_struct_conn.ptnr2_label_atom_id 
_struct_conn.pdbx_ptnr2_label_alt_id 
_struct_conn.pdbx_ptnr2_PDB_ins_code 
_struct_conn.ptnr1_auth_asym_id 
_struct_conn.ptnr1_auth_comp_id 
_struct_conn.ptnr1_auth_seq_id 
_struct_conn.ptnr2_auth_asym_id 
_struct_conn.ptnr2_auth_comp_id 
_struct_conn.ptnr2_auth_seq_id 
_struct_conn.ptnr2_symmetry 
_struct_conn.pdbx_ptnr3_label_atom_id 
_struct_conn.pdbx_ptnr3_label_seq_id 
_struct_conn.pdbx_ptnr3_label_comp_id 
_struct_conn.pdbx_ptnr3_label_asym_id 
_struct_conn.pdbx_ptnr3_label_alt_id 
_struct_conn.pdbx_ptnr3_PDB_ins_code 
_struct_conn.details 
_struct_conn.pdbx_dist_value 
_struct_conn.pdbx_value_order 
_struct_conn.pdbx_role 
hydrog1  hydrog ? ? A DC 1  N3 ? ? ? 1_555 B DG 12 N1 ? ? A DC 1  B DG 24 1_555 ? ? ? ? ? ? WATSON-CRICK ? ? ? 
hydrog2  hydrog ? ? A DC 1  N4 ? ? ? 1_555 B DG 12 O6 ? ? A DC 1  B DG 24 1_555 ? ? ? ? ? ? WATSON-CRICK ? ? ? 
hydrog3  hydrog ? ? A DC 1  O2 ? ? ? 1_555 B DG 12 N2 ? ? A DC 1  B DG 24 1_555 ? ? ? ? ? ? WATSON-CRICK ? ? ? 
hydrog4  hydrog ? ? A DG 2  N1 ? ? ? 1_555 B DC 11 N3 ? ? A DG 2  B DC 23 1_555 ? ? ? ? ? ? WATSON-CRICK ? ? ? 
hydrog5  hydrog ? ? A DG 2  N2 ? ? ? 1_555 B DC 11 O2 ? ? A DG 2  B DC 23 1_555 ? ? ? ? ? ? WATSON-CRICK ? ? ? 
hydrog6  hydrog ? ? A DG 2  O6 ? ? ? 1_555 B DC 11 N4 ? ? A DG 2  B DC 23 1_555 ? ? ? ? ? ? WATSON-CRICK ? ? ? 
hydrog7  hydrog ? ? A DC 3  N3 ? ? ? 1_555 B DG 10 N1 ? ? A DC 3  B DG 22 1_555 ? ? ? ? ? ? WATSON-CRICK ? ? ? 
hydrog8  hydrog ? ? A DC 3  N4 ? ? ? 1_555 B DG 10 O6 ? ? A DC 3  B DG 22 1_555 ? ? ? ? ? ? WATSON-CRICK ? ? ? 
hydrog9  hydrog ? ? A DC 3  O2 ? ? ? 1_555 B DG 10 N2 ? ? A DC 3  B DG 22 1_555 ? ? ? ? ? ? WATSON-CRICK ? ? ? 
hydrog10 hydrog ? ? A DG 4  N1 ? ? ? 1_555 B DC 9  N3 ? ? A DG 4  B DC 21 1_555 ? ? ? ? ? ? WATSON-CRICK ? ? ? 
hydrog11 hydrog ? ? A DG 4  N2 ? ? ? 1_555 B DC 9  O2 ? ? A DG 4  B DC 21 1_555 ? ? ? ? ? ? WATSON-CRICK ? ? ? 
hydrog12 hydrog ? ? A DG 4  O6 ? ? ? 1_555 B DC 9  N4 ? ? A DG 4  B DC 21 1_555 ? ? ? ? ? ? WATSON-CRICK ? ? ? 
hydrog13 hydrog ? ? A DA 5  N1 ? ? ? 1_555 B DT 8  N3 ? ? A DA 5  B DT 20 1_555 ? ? ? ? ? ? WATSON-CRICK ? ? ? 
hydrog14 hydrog ? ? A DA 5  N6 ? ? ? 1_555 B DT 8  O4 ? ? A DA 5  B DT 20 1_555 ? ? ? ? ? ? WATSON-CRICK ? ? ? 
hydrog15 hydrog ? ? A DA 6  N1 ? ? ? 1_555 B DT 7  N3 ? ? A DA 6  B DT 19 1_555 ? ? ? ? ? ? WATSON-CRICK ? ? ? 
hydrog16 hydrog ? ? A DA 6  N6 ? ? ? 1_555 B DT 7  O4 ? ? A DA 6  B DT 19 1_555 ? ? ? ? ? ? WATSON-CRICK ? ? ? 
hydrog17 hydrog ? ? A DT 7  N3 ? ? ? 1_555 B DA 6  N1 ? ? A DT 7  B DA 18 1_555 ? ? ? ? ? ? WATSON-CRICK ? ? ? 
hydrog18 hydrog ? ? A DT 7  O4 ? ? ? 1_555 B DA 6  N6 ? ? A DT 7  B DA 18 1_555 ? ? ? ? ? ? WATSON-CRICK ? ? ? 
hydrog19 hydrog ? ? A DT 8  N3 ? ? ? 1_555 B DA 5  N1 ? ? A DT 8  B DA 17 1_555 ? ? ? ? ? ? WATSON-CRICK ? ? ? 
hydrog20 hydrog ? ? A DT 8  O4 ? ? ? 1_555 B DA 5  N6 ? ? A DT 8  B DA 17 1_555 ? ? ? ? ? ? WATSON-CRICK ? ? ? 
hydrog21 hydrog ? ? A DC 9  N3 ? ? ? 1_555 B DG 4  N1 ? ? A DC 9  B DG 16 1_555 ? ? ? ? ? ? WATSON-CRICK ? ? ? 
hydrog22 hydrog ? ? A DC 9  N4 ? ? ? 1_555 B DG 4  O6 ? ? A DC 9  B DG 16 1_555 ? ? ? ? ? ? WATSON-CRICK ? ? ? 
hydrog23 hydrog ? ? A DC 9  O2 ? ? ? 1_555 B DG 4  N2 ? ? A DC 9  B DG 16 1_555 ? ? ? ? ? ? WATSON-CRICK ? ? ? 
hydrog24 hydrog ? ? A DG 10 N1 ? ? ? 1_555 B DC 3  N3 ? ? A DG 10 B DC 15 1_555 ? ? ? ? ? ? WATSON-CRICK ? ? ? 
hydrog25 hydrog ? ? A DG 10 N2 ? ? ? 1_555 B DC 3  O2 ? ? A DG 10 B DC 15 1_555 ? ? ? ? ? ? WATSON-CRICK ? ? ? 
hydrog26 hydrog ? ? A DG 10 O6 ? ? ? 1_555 B DC 3  N4 ? ? A DG 10 B DC 15 1_555 ? ? ? ? ? ? WATSON-CRICK ? ? ? 
hydrog27 hydrog ? ? A DC 11 N3 ? ? ? 1_555 B DG 2  N1 ? ? A DC 11 B DG 14 1_555 ? ? ? ? ? ? WATSON-CRICK ? ? ? 
hydrog28 hydrog ? ? A DC 11 N4 ? ? ? 1_555 B DG 2  O6 ? ? A DC 11 B DG 14 1_555 ? ? ? ? ? ? WATSON-CRICK ? ? ? 
hydrog29 hydrog ? ? A DC 11 O2 ? ? ? 1_555 B DG 2  N2 ? ? A DC 11 B DG 14 1_555 ? ? ? ? ? ? WATSON-CRICK ? ? ? 
hydrog30 hydrog ? ? A DG 12 N1 ? ? ? 1_555 B DC 1  N3 ? ? A DG 12 B DC 13 1_555 ? ? ? ? ? ? WATSON-CRICK ? ? ? 
hydrog31 hydrog ? ? A DG 12 N2 ? ? ? 1_555 B DC 1  O2 ? ? A DG 12 B DC 13 1_555 ? ? ? ? ? ? WATSON-CRICK ? ? ? 
hydrog32 hydrog ? ? A DG 12 O6 ? ? ? 1_555 B DC 1  N4 ? ? A DG 12 B DC 13 1_555 ? ? ? ? ? ? WATSON-CRICK ? ? ? 
# 
_struct_conn_type.id          hydrog 
_struct_conn_type.criteria    ? 
_struct_conn_type.reference   ? 
# 
loop_
_struct_site.id 
_struct_site.pdbx_evidence_code 
_struct_site.pdbx_auth_asym_id 
_struct_site.pdbx_auth_comp_id 
_struct_site.pdbx_auth_seq_id 
_struct_site.pdbx_auth_ins_code 
_struct_site.pdbx_num_residues 
_struct_site.details 
AC1 Software A BGF 25 ? 9 'BINDING SITE FOR RESIDUE BGF A 25' 
1   ?        ? ?   ?  ? ? ?                                   
# 
loop_
_struct_site_gen.id 
_struct_site_gen.site_id 
_struct_site_gen.pdbx_num_res 
_struct_site_gen.label_comp_id 
_struct_site_gen.label_asym_id 
_struct_site_gen.label_seq_id 
_struct_site_gen.pdbx_auth_ins_code 
_struct_site_gen.auth_comp_id 
_struct_site_gen.auth_asym_id 
_struct_site_gen.auth_seq_id 
_struct_site_gen.label_atom_id 
_struct_site_gen.label_alt_id 
_struct_site_gen.symmetry 
_struct_site_gen.details 
1 AC1 9 DA  A 6 ? DA  A 6  . ? 1_555 ? 
2 AC1 9 DT  A 7 ? DT  A 7  . ? 1_555 ? 
3 AC1 9 DT  A 8 ? DT  A 8  . ? 1_555 ? 
4 AC1 9 DC  A 9 ? DC  A 9  . ? 1_555 ? 
5 AC1 9 HOH D . ? HOH A 64 . ? 1_555 ? 
6 AC1 9 DA  B 6 ? DA  B 18 . ? 1_555 ? 
7 AC1 9 DT  B 7 ? DT  B 19 . ? 1_555 ? 
8 AC1 9 DT  B 8 ? DT  B 20 . ? 1_555 ? 
9 AC1 9 DC  B 9 ? DC  B 21 . ? 1_555 ? 
# 
loop_
_pdbx_validate_rmsd_bond.id 
_pdbx_validate_rmsd_bond.PDB_model_num 
_pdbx_validate_rmsd_bond.auth_atom_id_1 
_pdbx_validate_rmsd_bond.auth_asym_id_1 
_pdbx_validate_rmsd_bond.auth_comp_id_1 
_pdbx_validate_rmsd_bond.auth_seq_id_1 
_pdbx_validate_rmsd_bond.PDB_ins_code_1 
_pdbx_validate_rmsd_bond.label_alt_id_1 
_pdbx_validate_rmsd_bond.auth_atom_id_2 
_pdbx_validate_rmsd_bond.auth_asym_id_2 
_pdbx_validate_rmsd_bond.auth_comp_id_2 
_pdbx_validate_rmsd_bond.auth_seq_id_2 
_pdbx_validate_rmsd_bond.PDB_ins_code_2 
_pdbx_validate_rmsd_bond.label_alt_id_2 
_pdbx_validate_rmsd_bond.bond_value 
_pdbx_validate_rmsd_bond.bond_target_value 
_pdbx_validate_rmsd_bond.bond_deviation 
_pdbx_validate_rmsd_bond.bond_standard_deviation 
_pdbx_validate_rmsd_bond.linker_flag 
1  1 "C5'" A DG 2  ? ? "C4'" A DG 2  ? ? 1.566 1.512 0.054  0.007 N 
2  1 "C5'" A DC 3  ? ? "C4'" A DC 3  ? ? 1.433 1.509 -0.076 0.011 N 
3  1 "C5'" A DA 5  ? ? "C4'" A DA 5  ? ? 1.555 1.512 0.043  0.007 N 
4  1 "C5'" A DT 7  ? ? "C4'" A DT 7  ? ? 1.421 1.509 -0.088 0.011 N 
5  1 N1    A DT 8  ? ? C2    A DT 8  ? ? 1.444 1.376 0.068  0.008 N 
6  1 C5    A DT 8  ? ? C7    A DT 8  ? ? 1.541 1.496 0.045  0.006 N 
7  1 "C3'" A DC 9  ? ? "C2'" A DC 9  ? ? 1.462 1.516 -0.054 0.008 N 
8  1 "O3'" B DC 15 ? ? "C3'" B DC 15 ? ? 1.367 1.419 -0.052 0.006 N 
9  1 "C5'" B DT 20 ? ? "C4'" B DT 20 ? ? 1.440 1.509 -0.069 0.011 N 
10 1 C2    B DT 20 ? ? N3    B DT 20 ? ? 1.427 1.373 0.054  0.008 N 
11 1 "C5'" B DG 22 ? ? "C4'" B DG 22 ? ? 1.570 1.512 0.058  0.007 N 
12 1 "O3'" B DG 22 ? ? "C3'" B DG 22 ? ? 1.369 1.419 -0.050 0.006 N 
13 1 "O3'" B DC 23 ? ? P     B DG 24 ? ? 1.683 1.607 0.076  0.012 Y 
14 1 "C5'" B DG 24 ? ? "C4'" B DG 24 ? ? 1.430 1.509 -0.079 0.011 N 
15 1 "C3'" B DG 24 ? ? "C2'" B DG 24 ? ? 1.458 1.516 -0.058 0.008 N 
# 
loop_
_pdbx_validate_rmsd_angle.id 
_pdbx_validate_rmsd_angle.PDB_model_num 
_pdbx_validate_rmsd_angle.auth_atom_id_1 
_pdbx_validate_rmsd_angle.auth_asym_id_1 
_pdbx_validate_rmsd_angle.auth_comp_id_1 
_pdbx_validate_rmsd_angle.auth_seq_id_1 
_pdbx_validate_rmsd_angle.PDB_ins_code_1 
_pdbx_validate_rmsd_angle.label_alt_id_1 
_pdbx_validate_rmsd_angle.auth_atom_id_2 
_pdbx_validate_rmsd_angle.auth_asym_id_2 
_pdbx_validate_rmsd_angle.auth_comp_id_2 
_pdbx_validate_rmsd_angle.auth_seq_id_2 
_pdbx_validate_rmsd_angle.PDB_ins_code_2 
_pdbx_validate_rmsd_angle.label_alt_id_2 
_pdbx_validate_rmsd_angle.auth_atom_id_3 
_pdbx_validate_rmsd_angle.auth_asym_id_3 
_pdbx_validate_rmsd_angle.auth_comp_id_3 
_pdbx_validate_rmsd_angle.auth_seq_id_3 
_pdbx_validate_rmsd_angle.PDB_ins_code_3 
_pdbx_validate_rmsd_angle.label_alt_id_3 
_pdbx_validate_rmsd_angle.angle_value 
_pdbx_validate_rmsd_angle.angle_target_value 
_pdbx_validate_rmsd_angle.angle_deviation 
_pdbx_validate_rmsd_angle.angle_standard_deviation 
_pdbx_validate_rmsd_angle.linker_flag 
1  1 "O4'" A DC 1  ? ? "C1'" A DC 1  ? ? N1    A DC 1  ? ? 102.68 108.00 -5.32  0.70 N 
2  1 C6    A DC 1  ? ? N1    A DC 1  ? ? C2    A DC 1  ? ? 123.62 120.30 3.32   0.40 N 
3  1 N1    A DC 1  ? ? C2    A DC 1  ? ? O2    A DC 1  ? ? 123.46 118.90 4.56   0.60 N 
4  1 "C3'" A DC 1  ? ? "O3'" A DC 1  ? ? P     A DG 2  ? ? 135.36 119.70 15.66  1.20 Y 
5  1 "O4'" A DG 2  ? ? "C1'" A DG 2  ? ? N9    A DG 2  ? ? 111.33 108.30 3.03   0.30 N 
6  1 "C3'" A DG 2  ? ? "O3'" A DG 2  ? ? P     A DC 3  ? ? 128.03 119.70 8.33   1.20 Y 
7  1 "C1'" A DC 3  ? ? "O4'" A DC 3  ? ? "C4'" A DC 3  ? ? 116.73 110.30 6.43   0.70 N 
8  1 "C3'" A DC 3  ? ? "C2'" A DC 3  ? ? "C1'" A DC 3  ? ? 112.33 102.50 9.83   1.20 N 
9  1 "O4'" A DC 3  ? ? "C1'" A DC 3  ? ? "C2'" A DC 3  ? ? 97.55  105.90 -8.35  0.80 N 
10 1 N1    A DC 3  ? ? C2    A DC 3  ? ? O2    A DC 3  ? ? 123.08 118.90 4.18   0.60 N 
11 1 C5    A DC 3  ? ? C4    A DC 3  ? ? N4    A DC 3  ? ? 115.89 120.20 -4.31  0.70 N 
12 1 "O4'" A DG 4  ? ? "C1'" A DG 4  ? ? N9    A DG 4  ? ? 110.86 108.30 2.56   0.30 N 
13 1 "O4'" A DA 5  ? ? "C1'" A DA 5  ? ? N9    A DA 5  ? ? 111.36 108.30 3.06   0.30 N 
14 1 "C3'" A DA 5  ? ? "O3'" A DA 5  ? ? P     A DA 6  ? ? 127.00 119.70 7.30   1.20 Y 
15 1 "O4'" A DA 6  ? ? "C1'" A DA 6  ? ? N9    A DA 6  ? ? 112.38 108.30 4.08   0.30 N 
16 1 N9    A DA 6  ? ? C4    A DA 6  ? ? C5    A DA 6  ? ? 108.31 105.80 2.51   0.40 N 
17 1 N1    A DA 6  ? ? C6    A DA 6  ? ? N6    A DA 6  ? ? 114.84 118.60 -3.76  0.60 N 
18 1 "C3'" A DA 6  ? ? "O3'" A DA 6  ? ? P     A DT 7  ? ? 127.45 119.70 7.75   1.20 Y 
19 1 "O3'" A DA 6  ? ? P     A DT 7  ? ? OP2   A DT 7  ? ? 118.46 110.50 7.96   1.10 Y 
20 1 C4    A DT 7  ? ? C5    A DT 7  ? ? C6    A DT 7  ? ? 122.01 118.00 4.01   0.60 N 
21 1 N3    A DT 7  ? ? C2    A DT 7  ? ? O2    A DT 7  ? ? 118.33 122.30 -3.97  0.60 N 
22 1 P     A DT 8  ? ? "O5'" A DT 8  ? ? "C5'" A DT 8  ? ? 111.05 120.90 -9.85  1.60 N 
23 1 C4    A DT 8  ? ? C5    A DT 8  ? ? C6    A DT 8  ? ? 121.92 118.00 3.92   0.60 N 
24 1 N3    A DT 8  ? ? C2    A DT 8  ? ? O2    A DT 8  ? ? 115.53 122.30 -6.77  0.60 N 
25 1 C6    A DT 8  ? ? C5    A DT 8  ? ? C7    A DT 8  ? ? 117.86 122.90 -5.04  0.60 N 
26 1 "C3'" A DT 8  ? ? "O3'" A DT 8  ? ? P     A DC 9  ? ? 128.77 119.70 9.07   1.20 Y 
27 1 "O4'" A DC 9  ? ? "C1'" A DC 9  ? ? N1    A DC 9  ? ? 116.57 108.30 8.27   0.30 N 
28 1 "C3'" A DC 9  ? ? "O3'" A DC 9  ? ? P     A DG 10 ? ? 128.55 119.70 8.85   1.20 Y 
29 1 "O4'" A DG 10 ? ? "C1'" A DG 10 ? ? N9    A DG 10 ? ? 111.10 108.30 2.80   0.30 N 
30 1 "O4'" A DG 12 ? ? "C1'" A DG 12 ? ? N9    A DG 12 ? ? 111.59 108.30 3.29   0.30 N 
31 1 "O4'" B DC 13 ? ? "C4'" B DC 13 ? ? "C3'" B DC 13 ? ? 101.90 104.50 -2.60  0.40 N 
32 1 "O4'" B DG 14 ? ? "C1'" B DG 14 ? ? N9    B DG 14 ? ? 112.97 108.30 4.67   0.30 N 
33 1 "C3'" B DG 14 ? ? "O3'" B DG 14 ? ? P     B DC 15 ? ? 132.96 119.70 13.26  1.20 Y 
34 1 "O4'" B DC 15 ? ? "C1'" B DC 15 ? ? N1    B DC 15 ? ? 117.50 108.30 9.20   0.30 N 
35 1 "C1'" B DG 16 ? ? "O4'" B DG 16 ? ? "C4'" B DG 16 ? ? 115.68 110.30 5.38   0.70 N 
36 1 "O4'" B DG 16 ? ? "C1'" B DG 16 ? ? "C2'" B DG 16 ? ? 99.54  105.90 -6.36  0.80 N 
37 1 "O4'" B DG 16 ? ? "C1'" B DG 16 ? ? N9    B DG 16 ? ? 113.02 108.30 4.72   0.30 N 
38 1 N7    B DG 16 ? ? C8    B DG 16 ? ? N9    B DG 16 ? ? 116.92 113.10 3.82   0.50 N 
39 1 C8    B DG 16 ? ? N9    B DG 16 ? ? C4    B DG 16 ? ? 102.49 106.40 -3.91  0.40 N 
40 1 "C3'" B DG 16 ? ? "O3'" B DG 16 ? ? P     B DA 17 ? ? 130.71 119.70 11.01  1.20 Y 
41 1 "O4'" B DA 17 ? ? "C1'" B DA 17 ? ? N9    B DA 17 ? ? 112.78 108.30 4.48   0.30 N 
42 1 "C3'" B DA 17 ? ? "O3'" B DA 17 ? ? P     B DA 18 ? ? 128.96 119.70 9.26   1.20 Y 
43 1 "O4'" B DT 19 ? ? "C4'" B DT 19 ? ? "C3'" B DT 19 ? ? 110.21 106.00 4.21   0.60 N 
44 1 "C4'" B DT 19 ? ? "C3'" B DT 19 ? ? "C2'" B DT 19 ? ? 97.62  102.20 -4.58  0.70 N 
45 1 "O4'" B DT 19 ? ? "C1'" B DT 19 ? ? N1    B DT 19 ? ? 111.98 108.30 3.68   0.30 N 
46 1 N3    B DT 19 ? ? C2    B DT 19 ? ? O2    B DT 19 ? ? 118.00 122.30 -4.30  0.60 N 
47 1 C4    B DT 20 ? ? C5    B DT 20 ? ? C6    B DT 20 ? ? 122.84 118.00 4.84   0.60 N 
48 1 "O4'" B DC 21 ? ? "C4'" B DC 21 ? ? "C3'" B DC 21 ? ? 111.19 106.00 5.19   0.60 N 
49 1 "C4'" B DC 21 ? ? "C3'" B DC 21 ? ? "C2'" B DC 21 ? ? 96.69  102.20 -5.51  0.70 N 
50 1 "O4'" B DG 22 ? ? "C1'" B DG 22 ? ? N9    B DG 22 ? ? 118.48 108.30 10.18  0.30 N 
51 1 P     B DC 23 ? ? "O5'" B DC 23 ? ? "C5'" B DC 23 ? ? 110.20 120.90 -10.70 1.60 N 
52 1 "O4'" B DC 23 ? ? "C4'" B DC 23 ? ? "C3'" B DC 23 ? ? 109.76 106.00 3.76   0.60 N 
53 1 "O4'" B DC 23 ? ? "C1'" B DC 23 ? ? N1    B DC 23 ? ? 113.79 108.30 5.49   0.30 N 
54 1 N1    B DC 23 ? ? C2    B DC 23 ? ? O2    B DC 23 ? ? 122.93 118.90 4.03   0.60 N 
55 1 N3    B DC 23 ? ? C2    B DC 23 ? ? O2    B DC 23 ? ? 117.35 121.90 -4.55  0.70 N 
56 1 "O4'" B DG 24 ? ? "C4'" B DG 24 ? ? "C3'" B DG 24 ? ? 113.35 106.00 7.35   0.60 N 
57 1 "C4'" B DG 24 ? ? "C3'" B DG 24 ? ? "C2'" B DG 24 ? ? 95.95  102.20 -6.25  0.70 N 
58 1 "C3'" B DG 24 ? ? "C2'" B DG 24 ? ? "C1'" B DG 24 ? ? 111.30 102.50 8.80   1.20 N 
59 1 N9    B DG 24 ? ? "C1'" B DG 24 ? ? "C2'" B DG 24 ? ? 100.51 112.60 -12.09 1.90 N 
60 1 "O4'" B DG 24 ? ? "C1'" B DG 24 ? ? N9    B DG 24 ? ? 117.53 108.30 9.23   0.30 N 
# 
_struct_site_keywords.site_id   1 
_struct_site_keywords.text      'MINOR GROOVE BINDER' 
# 
loop_
_refine_B_iso.class 
_refine_B_iso.details 
_refine_B_iso.treatment 
_refine_B_iso.pdbx_refine_id 
'ALL ATOMS'  TR isotropic 'X-RAY DIFFRACTION' 
'ALL WATERS' TR isotropic 'X-RAY DIFFRACTION' 
# 
loop_
_refine_occupancy.class 
_refine_occupancy.treatment 
_refine_occupancy.pdbx_refine_id 
'ALL ATOMS'  fix 'X-RAY DIFFRACTION' 
'ALL WATERS' fix 'X-RAY DIFFRACTION' 
# 
loop_
_chem_comp_atom.comp_id 
_chem_comp_atom.atom_id 
_chem_comp_atom.type_symbol 
_chem_comp_atom.pdbx_aromatic_flag 
_chem_comp_atom.pdbx_stereo_config 
_chem_comp_atom.pdbx_ordinal 
BGF CA     C Y N 1   
BGF CB     C Y N 2   
BGF "CB'"  C Y N 3   
BGF "CA'"  C Y N 4   
BGF O1     O Y N 5   
BGF C1     C Y N 6   
BGF C2     C Y N 7   
BGF C3     C Y N 8   
BGF C4     C Y N 9   
BGF C5     C Y N 10  
BGF C6     C Y N 11  
BGF C7     C N N 12  
BGF N1     N N N 13  
BGF N2     N N N 14  
BGF "C1'"  C Y N 15  
BGF "C2'"  C Y N 16  
BGF "C3'"  C Y N 17  
BGF "C4'"  C Y N 18  
BGF "C5'"  C Y N 19  
BGF "C6'"  C Y N 20  
BGF "C7'"  C N N 21  
BGF "N1'"  N N N 22  
BGF "N2'"  N N N 23  
BGF HB     H N N 24  
BGF "HB'"  H N N 25  
BGF H2     H N N 26  
BGF H3     H N N 27  
BGF H5     H N N 28  
BGF H6     H N N 29  
BGF HN11   H N N 30  
BGF HN12   H N N 31  
BGF HN21   H N N 32  
BGF HN22   H N N 33  
BGF "H2'"  H N N 34  
BGF "H3'"  H N N 35  
BGF "H5'"  H N N 36  
BGF "H6'"  H N N 37  
BGF "H1'1" H N N 38  
BGF "H1'2" H N N 39  
BGF "H2'1" H N N 40  
BGF "H2'2" H N N 41  
DA  OP3    O N N 42  
DA  P      P N N 43  
DA  OP1    O N N 44  
DA  OP2    O N N 45  
DA  "O5'"  O N N 46  
DA  "C5'"  C N N 47  
DA  "C4'"  C N R 48  
DA  "O4'"  O N N 49  
DA  "C3'"  C N S 50  
DA  "O3'"  O N N 51  
DA  "C2'"  C N N 52  
DA  "C1'"  C N R 53  
DA  N9     N Y N 54  
DA  C8     C Y N 55  
DA  N7     N Y N 56  
DA  C5     C Y N 57  
DA  C6     C Y N 58  
DA  N6     N N N 59  
DA  N1     N Y N 60  
DA  C2     C Y N 61  
DA  N3     N Y N 62  
DA  C4     C Y N 63  
DA  HOP3   H N N 64  
DA  HOP2   H N N 65  
DA  "H5'"  H N N 66  
DA  "H5''" H N N 67  
DA  "H4'"  H N N 68  
DA  "H3'"  H N N 69  
DA  "HO3'" H N N 70  
DA  "H2'"  H N N 71  
DA  "H2''" H N N 72  
DA  "H1'"  H N N 73  
DA  H8     H N N 74  
DA  H61    H N N 75  
DA  H62    H N N 76  
DA  H2     H N N 77  
DC  OP3    O N N 78  
DC  P      P N N 79  
DC  OP1    O N N 80  
DC  OP2    O N N 81  
DC  "O5'"  O N N 82  
DC  "C5'"  C N N 83  
DC  "C4'"  C N R 84  
DC  "O4'"  O N N 85  
DC  "C3'"  C N S 86  
DC  "O3'"  O N N 87  
DC  "C2'"  C N N 88  
DC  "C1'"  C N R 89  
DC  N1     N N N 90  
DC  C2     C N N 91  
DC  O2     O N N 92  
DC  N3     N N N 93  
DC  C4     C N N 94  
DC  N4     N N N 95  
DC  C5     C N N 96  
DC  C6     C N N 97  
DC  HOP3   H N N 98  
DC  HOP2   H N N 99  
DC  "H5'"  H N N 100 
DC  "H5''" H N N 101 
DC  "H4'"  H N N 102 
DC  "H3'"  H N N 103 
DC  "HO3'" H N N 104 
DC  "H2'"  H N N 105 
DC  "H2''" H N N 106 
DC  "H1'"  H N N 107 
DC  H41    H N N 108 
DC  H42    H N N 109 
DC  H5     H N N 110 
DC  H6     H N N 111 
DG  OP3    O N N 112 
DG  P      P N N 113 
DG  OP1    O N N 114 
DG  OP2    O N N 115 
DG  "O5'"  O N N 116 
DG  "C5'"  C N N 117 
DG  "C4'"  C N R 118 
DG  "O4'"  O N N 119 
DG  "C3'"  C N S 120 
DG  "O3'"  O N N 121 
DG  "C2'"  C N N 122 
DG  "C1'"  C N R 123 
DG  N9     N Y N 124 
DG  C8     C Y N 125 
DG  N7     N Y N 126 
DG  C5     C Y N 127 
DG  C6     C N N 128 
DG  O6     O N N 129 
DG  N1     N N N 130 
DG  C2     C N N 131 
DG  N2     N N N 132 
DG  N3     N N N 133 
DG  C4     C Y N 134 
DG  HOP3   H N N 135 
DG  HOP2   H N N 136 
DG  "H5'"  H N N 137 
DG  "H5''" H N N 138 
DG  "H4'"  H N N 139 
DG  "H3'"  H N N 140 
DG  "HO3'" H N N 141 
DG  "H2'"  H N N 142 
DG  "H2''" H N N 143 
DG  "H1'"  H N N 144 
DG  H8     H N N 145 
DG  H1     H N N 146 
DG  H21    H N N 147 
DG  H22    H N N 148 
DT  OP3    O N N 149 
DT  P      P N N 150 
DT  OP1    O N N 151 
DT  OP2    O N N 152 
DT  "O5'"  O N N 153 
DT  "C5'"  C N N 154 
DT  "C4'"  C N R 155 
DT  "O4'"  O N N 156 
DT  "C3'"  C N S 157 
DT  "O3'"  O N N 158 
DT  "C2'"  C N N 159 
DT  "C1'"  C N R 160 
DT  N1     N N N 161 
DT  C2     C N N 162 
DT  O2     O N N 163 
DT  N3     N N N 164 
DT  C4     C N N 165 
DT  O4     O N N 166 
DT  C5     C N N 167 
DT  C7     C N N 168 
DT  C6     C N N 169 
DT  HOP3   H N N 170 
DT  HOP2   H N N 171 
DT  "H5'"  H N N 172 
DT  "H5''" H N N 173 
DT  "H4'"  H N N 174 
DT  "H3'"  H N N 175 
DT  "HO3'" H N N 176 
DT  "H2'"  H N N 177 
DT  "H2''" H N N 178 
DT  "H1'"  H N N 179 
DT  H3     H N N 180 
DT  H71    H N N 181 
DT  H72    H N N 182 
DT  H73    H N N 183 
DT  H6     H N N 184 
HOH O      O N N 185 
HOH H1     H N N 186 
HOH H2     H N N 187 
# 
loop_
_chem_comp_bond.comp_id 
_chem_comp_bond.atom_id_1 
_chem_comp_bond.atom_id_2 
_chem_comp_bond.value_order 
_chem_comp_bond.pdbx_aromatic_flag 
_chem_comp_bond.pdbx_stereo_config 
_chem_comp_bond.pdbx_ordinal 
BGF CA    CB     doub Y N 1   
BGF CA    O1     sing Y N 2   
BGF CA    C1     sing Y N 3   
BGF CB    "CB'"  sing Y N 4   
BGF CB    HB     sing N N 5   
BGF "CB'" "CA'"  doub Y N 6   
BGF "CB'" "HB'"  sing N N 7   
BGF "CA'" O1     sing Y N 8   
BGF "CA'" "C1'"  sing Y N 9   
BGF C1    C2     doub Y N 10  
BGF C1    C6     sing Y N 11  
BGF C2    C3     sing Y N 12  
BGF C2    H2     sing N N 13  
BGF C3    C4     doub Y N 14  
BGF C3    H3     sing N N 15  
BGF C4    C5     sing Y N 16  
BGF C4    C7     sing N N 17  
BGF C5    C6     doub Y N 18  
BGF C5    H5     sing N N 19  
BGF C6    H6     sing N N 20  
BGF C7    N1     sing N N 21  
BGF C7    N2     doub N N 22  
BGF N1    HN11   sing N N 23  
BGF N1    HN12   sing N N 24  
BGF N2    HN21   sing N N 25  
BGF N2    HN22   sing N N 26  
BGF "C1'" "C2'"  doub Y N 27  
BGF "C1'" "C6'"  sing Y N 28  
BGF "C2'" "C3'"  sing Y N 29  
BGF "C2'" "H2'"  sing N N 30  
BGF "C3'" "C4'"  doub Y N 31  
BGF "C3'" "H3'"  sing N N 32  
BGF "C4'" "C5'"  sing Y N 33  
BGF "C4'" "C7'"  sing N N 34  
BGF "C5'" "C6'"  doub Y N 35  
BGF "C5'" "H5'"  sing N N 36  
BGF "C6'" "H6'"  sing N N 37  
BGF "C7'" "N1'"  sing N N 38  
BGF "C7'" "N2'"  doub N N 39  
BGF "N1'" "H1'1" sing N N 40  
BGF "N1'" "H1'2" sing N N 41  
BGF "N2'" "H2'1" sing N N 42  
BGF "N2'" "H2'2" sing N N 43  
DA  OP3   P      sing N N 44  
DA  OP3   HOP3   sing N N 45  
DA  P     OP1    doub N N 46  
DA  P     OP2    sing N N 47  
DA  P     "O5'"  sing N N 48  
DA  OP2   HOP2   sing N N 49  
DA  "O5'" "C5'"  sing N N 50  
DA  "C5'" "C4'"  sing N N 51  
DA  "C5'" "H5'"  sing N N 52  
DA  "C5'" "H5''" sing N N 53  
DA  "C4'" "O4'"  sing N N 54  
DA  "C4'" "C3'"  sing N N 55  
DA  "C4'" "H4'"  sing N N 56  
DA  "O4'" "C1'"  sing N N 57  
DA  "C3'" "O3'"  sing N N 58  
DA  "C3'" "C2'"  sing N N 59  
DA  "C3'" "H3'"  sing N N 60  
DA  "O3'" "HO3'" sing N N 61  
DA  "C2'" "C1'"  sing N N 62  
DA  "C2'" "H2'"  sing N N 63  
DA  "C2'" "H2''" sing N N 64  
DA  "C1'" N9     sing N N 65  
DA  "C1'" "H1'"  sing N N 66  
DA  N9    C8     sing Y N 67  
DA  N9    C4     sing Y N 68  
DA  C8    N7     doub Y N 69  
DA  C8    H8     sing N N 70  
DA  N7    C5     sing Y N 71  
DA  C5    C6     sing Y N 72  
DA  C5    C4     doub Y N 73  
DA  C6    N6     sing N N 74  
DA  C6    N1     doub Y N 75  
DA  N6    H61    sing N N 76  
DA  N6    H62    sing N N 77  
DA  N1    C2     sing Y N 78  
DA  C2    N3     doub Y N 79  
DA  C2    H2     sing N N 80  
DA  N3    C4     sing Y N 81  
DC  OP3   P      sing N N 82  
DC  OP3   HOP3   sing N N 83  
DC  P     OP1    doub N N 84  
DC  P     OP2    sing N N 85  
DC  P     "O5'"  sing N N 86  
DC  OP2   HOP2   sing N N 87  
DC  "O5'" "C5'"  sing N N 88  
DC  "C5'" "C4'"  sing N N 89  
DC  "C5'" "H5'"  sing N N 90  
DC  "C5'" "H5''" sing N N 91  
DC  "C4'" "O4'"  sing N N 92  
DC  "C4'" "C3'"  sing N N 93  
DC  "C4'" "H4'"  sing N N 94  
DC  "O4'" "C1'"  sing N N 95  
DC  "C3'" "O3'"  sing N N 96  
DC  "C3'" "C2'"  sing N N 97  
DC  "C3'" "H3'"  sing N N 98  
DC  "O3'" "HO3'" sing N N 99  
DC  "C2'" "C1'"  sing N N 100 
DC  "C2'" "H2'"  sing N N 101 
DC  "C2'" "H2''" sing N N 102 
DC  "C1'" N1     sing N N 103 
DC  "C1'" "H1'"  sing N N 104 
DC  N1    C2     sing N N 105 
DC  N1    C6     sing N N 106 
DC  C2    O2     doub N N 107 
DC  C2    N3     sing N N 108 
DC  N3    C4     doub N N 109 
DC  C4    N4     sing N N 110 
DC  C4    C5     sing N N 111 
DC  N4    H41    sing N N 112 
DC  N4    H42    sing N N 113 
DC  C5    C6     doub N N 114 
DC  C5    H5     sing N N 115 
DC  C6    H6     sing N N 116 
DG  OP3   P      sing N N 117 
DG  OP3   HOP3   sing N N 118 
DG  P     OP1    doub N N 119 
DG  P     OP2    sing N N 120 
DG  P     "O5'"  sing N N 121 
DG  OP2   HOP2   sing N N 122 
DG  "O5'" "C5'"  sing N N 123 
DG  "C5'" "C4'"  sing N N 124 
DG  "C5'" "H5'"  sing N N 125 
DG  "C5'" "H5''" sing N N 126 
DG  "C4'" "O4'"  sing N N 127 
DG  "C4'" "C3'"  sing N N 128 
DG  "C4'" "H4'"  sing N N 129 
DG  "O4'" "C1'"  sing N N 130 
DG  "C3'" "O3'"  sing N N 131 
DG  "C3'" "C2'"  sing N N 132 
DG  "C3'" "H3'"  sing N N 133 
DG  "O3'" "HO3'" sing N N 134 
DG  "C2'" "C1'"  sing N N 135 
DG  "C2'" "H2'"  sing N N 136 
DG  "C2'" "H2''" sing N N 137 
DG  "C1'" N9     sing N N 138 
DG  "C1'" "H1'"  sing N N 139 
DG  N9    C8     sing Y N 140 
DG  N9    C4     sing Y N 141 
DG  C8    N7     doub Y N 142 
DG  C8    H8     sing N N 143 
DG  N7    C5     sing Y N 144 
DG  C5    C6     sing N N 145 
DG  C5    C4     doub Y N 146 
DG  C6    O6     doub N N 147 
DG  C6    N1     sing N N 148 
DG  N1    C2     sing N N 149 
DG  N1    H1     sing N N 150 
DG  C2    N2     sing N N 151 
DG  C2    N3     doub N N 152 
DG  N2    H21    sing N N 153 
DG  N2    H22    sing N N 154 
DG  N3    C4     sing N N 155 
DT  OP3   P      sing N N 156 
DT  OP3   HOP3   sing N N 157 
DT  P     OP1    doub N N 158 
DT  P     OP2    sing N N 159 
DT  P     "O5'"  sing N N 160 
DT  OP2   HOP2   sing N N 161 
DT  "O5'" "C5'"  sing N N 162 
DT  "C5'" "C4'"  sing N N 163 
DT  "C5'" "H5'"  sing N N 164 
DT  "C5'" "H5''" sing N N 165 
DT  "C4'" "O4'"  sing N N 166 
DT  "C4'" "C3'"  sing N N 167 
DT  "C4'" "H4'"  sing N N 168 
DT  "O4'" "C1'"  sing N N 169 
DT  "C3'" "O3'"  sing N N 170 
DT  "C3'" "C2'"  sing N N 171 
DT  "C3'" "H3'"  sing N N 172 
DT  "O3'" "HO3'" sing N N 173 
DT  "C2'" "C1'"  sing N N 174 
DT  "C2'" "H2'"  sing N N 175 
DT  "C2'" "H2''" sing N N 176 
DT  "C1'" N1     sing N N 177 
DT  "C1'" "H1'"  sing N N 178 
DT  N1    C2     sing N N 179 
DT  N1    C6     sing N N 180 
DT  C2    O2     doub N N 181 
DT  C2    N3     sing N N 182 
DT  N3    C4     sing N N 183 
DT  N3    H3     sing N N 184 
DT  C4    O4     doub N N 185 
DT  C4    C5     sing N N 186 
DT  C5    C7     sing N N 187 
DT  C5    C6     doub N N 188 
DT  C7    H71    sing N N 189 
DT  C7    H72    sing N N 190 
DT  C7    H73    sing N N 191 
DT  C6    H6     sing N N 192 
HOH O     H1     sing N N 193 
HOH O     H2     sing N N 194 
# 
loop_
_ndb_struct_conf_na.entry_id 
_ndb_struct_conf_na.feature 
227D 'double helix'        
227D 'b-form double helix' 
# 
loop_
_ndb_struct_na_base_pair.model_number 
_ndb_struct_na_base_pair.i_label_asym_id 
_ndb_struct_na_base_pair.i_label_comp_id 
_ndb_struct_na_base_pair.i_label_seq_id 
_ndb_struct_na_base_pair.i_symmetry 
_ndb_struct_na_base_pair.j_label_asym_id 
_ndb_struct_na_base_pair.j_label_comp_id 
_ndb_struct_na_base_pair.j_label_seq_id 
_ndb_struct_na_base_pair.j_symmetry 
_ndb_struct_na_base_pair.shear 
_ndb_struct_na_base_pair.stretch 
_ndb_struct_na_base_pair.stagger 
_ndb_struct_na_base_pair.buckle 
_ndb_struct_na_base_pair.propeller 
_ndb_struct_na_base_pair.opening 
_ndb_struct_na_base_pair.pair_number 
_ndb_struct_na_base_pair.pair_name 
_ndb_struct_na_base_pair.i_auth_asym_id 
_ndb_struct_na_base_pair.i_auth_seq_id 
_ndb_struct_na_base_pair.i_PDB_ins_code 
_ndb_struct_na_base_pair.j_auth_asym_id 
_ndb_struct_na_base_pair.j_auth_seq_id 
_ndb_struct_na_base_pair.j_PDB_ins_code 
_ndb_struct_na_base_pair.hbond_type_28 
_ndb_struct_na_base_pair.hbond_type_12 
1 A DC 1  1_555 B DG 12 1_555 0.270  -0.217 0.069  4.281  -5.101  -3.630 1  A_DC1:DG24_B  A 1  ? B 24 ? 19 1 
1 A DG 2  1_555 B DC 11 1_555 -0.099 -0.101 0.008  -7.937 -15.485 -3.674 2  A_DG2:DC23_B  A 2  ? B 23 ? 19 1 
1 A DC 3  1_555 B DG 10 1_555 0.122  -0.190 0.003  -0.977 -5.798  -1.160 3  A_DC3:DG22_B  A 3  ? B 22 ? 19 1 
1 A DG 4  1_555 B DC 9  1_555 -0.240 -0.212 -0.581 2.388  -13.667 0.318  4  A_DG4:DC21_B  A 4  ? B 21 ? 19 1 
1 A DA 5  1_555 B DT 8  1_555 0.057  -0.081 -0.035 -2.196 -11.811 5.607  5  A_DA5:DT20_B  A 5  ? B 20 ? 20 1 
1 A DA 6  1_555 B DT 7  1_555 0.171  -0.038 0.209  4.595  -22.394 4.597  6  A_DA6:DT19_B  A 6  ? B 19 ? 20 1 
1 A DT 7  1_555 B DA 6  1_555 0.058  -0.033 0.407  -2.390 -15.337 4.648  7  A_DT7:DA18_B  A 7  ? B 18 ? 20 1 
1 A DT 8  1_555 B DA 5  1_555 -0.134 -0.008 -0.047 -3.810 -17.779 3.339  8  A_DT8:DA17_B  A 8  ? B 17 ? 20 1 
1 A DC 9  1_555 B DG 4  1_555 0.061  -0.013 -0.109 -7.723 -9.520  -1.583 9  A_DC9:DG16_B  A 9  ? B 16 ? 19 1 
1 A DG 10 1_555 B DC 3  1_555 -0.138 -0.198 -0.002 2.741  0.442   -3.097 10 A_DG10:DC15_B A 10 ? B 15 ? 19 1 
1 A DC 11 1_555 B DG 2  1_555 -0.003 -0.243 0.354  2.405  -20.768 -5.489 11 A_DC11:DG14_B A 11 ? B 14 ? 19 1 
1 A DG 12 1_555 B DC 1  1_555 -0.429 -0.261 -0.468 -0.571 24.171  -4.131 12 A_DG12:DC13_B A 12 ? B 13 ? 19 1 
# 
loop_
_ndb_struct_na_base_pair_step.model_number 
_ndb_struct_na_base_pair_step.i_label_asym_id_1 
_ndb_struct_na_base_pair_step.i_label_comp_id_1 
_ndb_struct_na_base_pair_step.i_label_seq_id_1 
_ndb_struct_na_base_pair_step.i_symmetry_1 
_ndb_struct_na_base_pair_step.j_label_asym_id_1 
_ndb_struct_na_base_pair_step.j_label_comp_id_1 
_ndb_struct_na_base_pair_step.j_label_seq_id_1 
_ndb_struct_na_base_pair_step.j_symmetry_1 
_ndb_struct_na_base_pair_step.i_label_asym_id_2 
_ndb_struct_na_base_pair_step.i_label_comp_id_2 
_ndb_struct_na_base_pair_step.i_label_seq_id_2 
_ndb_struct_na_base_pair_step.i_symmetry_2 
_ndb_struct_na_base_pair_step.j_label_asym_id_2 
_ndb_struct_na_base_pair_step.j_label_comp_id_2 
_ndb_struct_na_base_pair_step.j_label_seq_id_2 
_ndb_struct_na_base_pair_step.j_symmetry_2 
_ndb_struct_na_base_pair_step.shift 
_ndb_struct_na_base_pair_step.slide 
_ndb_struct_na_base_pair_step.rise 
_ndb_struct_na_base_pair_step.tilt 
_ndb_struct_na_base_pair_step.roll 
_ndb_struct_na_base_pair_step.twist 
_ndb_struct_na_base_pair_step.x_displacement 
_ndb_struct_na_base_pair_step.y_displacement 
_ndb_struct_na_base_pair_step.helical_rise 
_ndb_struct_na_base_pair_step.inclination 
_ndb_struct_na_base_pair_step.tip 
_ndb_struct_na_base_pair_step.helical_twist 
_ndb_struct_na_base_pair_step.step_number 
_ndb_struct_na_base_pair_step.step_name 
_ndb_struct_na_base_pair_step.i_auth_asym_id_1 
_ndb_struct_na_base_pair_step.i_auth_seq_id_1 
_ndb_struct_na_base_pair_step.i_PDB_ins_code_1 
_ndb_struct_na_base_pair_step.j_auth_asym_id_1 
_ndb_struct_na_base_pair_step.j_auth_seq_id_1 
_ndb_struct_na_base_pair_step.j_PDB_ins_code_1 
_ndb_struct_na_base_pair_step.i_auth_asym_id_2 
_ndb_struct_na_base_pair_step.i_auth_seq_id_2 
_ndb_struct_na_base_pair_step.i_PDB_ins_code_2 
_ndb_struct_na_base_pair_step.j_auth_asym_id_2 
_ndb_struct_na_base_pair_step.j_auth_seq_id_2 
_ndb_struct_na_base_pair_step.j_PDB_ins_code_2 
1 A DC 1  1_555 B DG 12 1_555 A DG 2  1_555 B DC 11 1_555 -0.355 0.205  3.716 -1.931 4.088   37.641 -0.282 0.264  3.730 6.308   
2.979   37.901 1  AA_DC1DG2:DC23DG24_BB   A 1  ? B 24 ? A 2  ? B 23 ? 
1 A DG 2  1_555 B DC 11 1_555 A DC 3  1_555 B DG 10 1_555 0.303  0.495  3.244 2.212  -5.074  38.758 1.339  -0.191 3.169 -7.599  
-3.312  39.136 2  AA_DG2DC3:DG22DC23_BB   A 2  ? B 23 ? A 3  ? B 22 ? 
1 A DC 3  1_555 B DG 10 1_555 A DG 4  1_555 B DC 9  1_555 0.182  0.632  3.493 5.858  7.297   24.663 -0.767 1.330  3.484 16.350  
-13.126 26.353 3  AA_DC3DG4:DC21DG22_BB   A 3  ? B 22 ? A 4  ? B 21 ? 
1 A DG 4  1_555 B DC 9  1_555 A DA 5  1_555 B DT 8  1_555 0.286  0.465  3.250 -4.871 7.869   37.481 -0.273 -1.037 3.218 12.023  
7.443   38.567 4  AA_DG4DA5:DT20DC21_BB   A 4  ? B 21 ? A 5  ? B 20 ? 
1 A DA 5  1_555 B DT 8  1_555 A DA 6  1_555 B DT 7  1_555 -0.204 -0.237 3.133 -1.961 -0.116  36.492 -0.363 0.066  3.140 -0.185  
3.129   36.543 5  AA_DA5DA6:DT19DT20_BB   A 5  ? B 20 ? A 6  ? B 19 ? 
1 A DA 6  1_555 B DT 7  1_555 A DT 7  1_555 B DA 6  1_555 0.318  -0.959 3.527 0.730  -0.506  33.069 -1.592 -0.426 3.547 -0.890  
-1.282  33.080 6  AA_DA6DT7:DA18DT19_BB   A 6  ? B 19 ? A 7  ? B 18 ? 
1 A DT 7  1_555 B DA 6  1_555 A DT 8  1_555 B DA 5  1_555 -0.189 -0.197 3.172 3.949  3.825   35.442 -0.848 0.853  3.096 6.237   
-6.439  35.852 7  AA_DT7DT8:DA17DA18_BB   A 7  ? B 18 ? A 8  ? B 17 ? 
1 A DT 8  1_555 B DA 5  1_555 A DC 9  1_555 B DG 4  1_555 -0.230 0.456  3.447 0.084  -3.902  39.121 1.164  0.352  3.388 -5.809  
-0.125  39.308 8  AA_DT8DC9:DG16DA17_BB   A 8  ? B 17 ? A 9  ? B 16 ? 
1 A DC 9  1_555 B DG 4  1_555 A DG 10 1_555 B DC 3  1_555 0.121  0.833  3.309 -2.374 7.243   30.243 0.114  -0.695 3.393 13.613  
4.462   31.167 9  AA_DC9DG10:DC15DG16_BB  A 9  ? B 16 ? A 10 ? B 15 ? 
1 A DG 10 1_555 B DC 3  1_555 A DC 11 1_555 B DG 2  1_555 -1.020 0.681  3.553 -5.227 -14.728 39.991 2.514  0.836  3.223 -20.607 
7.314   42.820 10 AA_DG10DC11:DG14DC15_BB A 10 ? B 15 ? A 11 ? B 14 ? 
1 A DC 11 1_555 B DG 2  1_555 A DG 12 1_555 B DC 1  1_555 1.176  0.462  3.684 9.127  -11.278 37.286 2.175  -0.511 3.584 -16.878 
-13.659 39.915 11 AA_DC11DG12:DC13DG14_BB A 11 ? B 14 ? A 12 ? B 13 ? 
# 
_atom_sites.entry_id                    227D 
_atom_sites.fract_transf_matrix[1][1]   -0.02389429 
_atom_sites.fract_transf_matrix[1][2]   -0.00467497 
_atom_sites.fract_transf_matrix[1][3]   0.03117633 
_atom_sites.fract_transf_matrix[2][1]   -0.00222278 
_atom_sites.fract_transf_matrix[2][2]   -0.02389741 
_atom_sites.fract_transf_matrix[2][3]   -0.00528706 
_atom_sites.fract_transf_matrix[3][1]   0.01186591 
_atom_sites.fract_transf_matrix[3][2]   -0.00301567 
_atom_sites.fract_transf_matrix[3][3]   0.00864211 
_atom_sites.fract_transf_vector[1]      0.317959 
_atom_sites.fract_transf_vector[2]      0.581468 
_atom_sites.fract_transf_vector[3]      0.125897 
# 
loop_
_atom_type.symbol 
C 
N 
O 
P 
# 
loop_
_atom_site.group_PDB 
_atom_site.id 
_atom_site.type_symbol 
_atom_site.label_atom_id 
_atom_site.label_alt_id 
_atom_site.label_comp_id 
_atom_site.label_asym_id 
_atom_site.label_entity_id 
_atom_site.label_seq_id 
_atom_site.pdbx_PDB_ins_code 
_atom_site.Cartn_x 
_atom_site.Cartn_y 
_atom_site.Cartn_z 
_atom_site.occupancy 
_atom_site.B_iso_or_equiv 
_atom_site.pdbx_formal_charge 
_atom_site.auth_seq_id 
_atom_site.auth_comp_id 
_atom_site.auth_asym_id 
_atom_site.auth_atom_id 
_atom_site.pdbx_PDB_model_num 
ATOM   1   O "O5'" . DC  A 1 1  ? 4.584   -15.284 16.217 1.00 28.81 ? 1  DC  A "O5'" 1 
ATOM   2   C "C5'" . DC  A 1 1  ? 5.308   -14.063 16.366 1.00 24.29 ? 1  DC  A "C5'" 1 
ATOM   3   C "C4'" . DC  A 1 1  ? 4.523   -13.061 17.169 1.00 24.44 ? 1  DC  A "C4'" 1 
ATOM   4   O "O4'" . DC  A 1 1  ? 5.356   -11.938 17.376 1.00 22.51 ? 1  DC  A "O4'" 1 
ATOM   5   C "C3'" . DC  A 1 1  ? 3.251   -12.564 16.466 1.00 26.68 ? 1  DC  A "C3'" 1 
ATOM   6   O "O3'" . DC  A 1 1  ? 2.363   -11.909 17.379 1.00 33.38 ? 1  DC  A "O3'" 1 
ATOM   7   C "C2'" . DC  A 1 1  ? 3.847   -11.451 15.675 1.00 22.33 ? 1  DC  A "C2'" 1 
ATOM   8   C "C1'" . DC  A 1 1  ? 4.846   -10.889 16.615 1.00 18.01 ? 1  DC  A "C1'" 1 
ATOM   9   N N1    . DC  A 1 1  ? 6.040   -10.297 16.050 1.00 22.09 ? 1  DC  A N1    1 
ATOM   10  C C2    . DC  A 1 1  ? 6.555   -9.243  16.779 1.00 21.21 ? 1  DC  A C2    1 
ATOM   11  O O2    . DC  A 1 1  ? 6.055   -8.835  17.834 1.00 16.76 ? 1  DC  A O2    1 
ATOM   12  N N3    . DC  A 1 1  ? 7.656   -8.654  16.276 1.00 19.03 ? 1  DC  A N3    1 
ATOM   13  C C4    . DC  A 1 1  ? 8.197   -9.076  15.154 1.00 19.79 ? 1  DC  A C4    1 
ATOM   14  N N4    . DC  A 1 1  ? 9.271   -8.432  14.729 1.00 19.68 ? 1  DC  A N4    1 
ATOM   15  C C5    . DC  A 1 1  ? 7.679   -10.167 14.405 1.00 17.24 ? 1  DC  A C5    1 
ATOM   16  C C6    . DC  A 1 1  ? 6.593   -10.755 14.889 1.00 13.85 ? 1  DC  A C6    1 
ATOM   17  P P     . DG  A 1 2  ? 0.817   -12.051 17.762 1.00 35.27 ? 2  DG  A P     1 
ATOM   18  O OP1   . DG  A 1 2  ? 0.708   -13.015 18.883 1.00 34.63 ? 2  DG  A OP1   1 
ATOM   19  O OP2   . DG  A 1 2  ? -0.055  -12.105 16.570 1.00 32.79 ? 2  DG  A OP2   1 
ATOM   20  O "O5'" . DG  A 1 2  ? 0.698   -10.595 18.286 1.00 32.43 ? 2  DG  A "O5'" 1 
ATOM   21  C "C5'" . DG  A 1 2  ? 1.558   -10.113 19.330 1.00 29.72 ? 2  DG  A "C5'" 1 
ATOM   22  C "C4'" . DG  A 1 2  ? 1.314   -8.613  19.708 1.00 28.73 ? 2  DG  A "C4'" 1 
ATOM   23  O "O4'" . DG  A 1 2  ? 2.432   -7.776  19.235 1.00 29.10 ? 2  DG  A "O4'" 1 
ATOM   24  C "C3'" . DG  A 1 2  ? -0.003  -8.102  19.032 1.00 28.57 ? 2  DG  A "C3'" 1 
ATOM   25  O "O3'" . DG  A 1 2  ? -0.587  -7.048  19.822 1.00 26.87 ? 2  DG  A "O3'" 1 
ATOM   26  C "C2'" . DG  A 1 2  ? 0.611   -7.586  17.721 1.00 23.33 ? 2  DG  A "C2'" 1 
ATOM   27  C "C1'" . DG  A 1 2  ? 1.977   -7.011  18.124 1.00 22.35 ? 2  DG  A "C1'" 1 
ATOM   28  N N9    . DG  A 1 2  ? 2.926   -7.082  16.999 1.00 20.59 ? 2  DG  A N9    1 
ATOM   29  C C8    . DG  A 1 2  ? 2.924   -7.976  15.968 1.00 20.09 ? 2  DG  A C8    1 
ATOM   30  N N7    . DG  A 1 2  ? 3.828   -7.749  15.089 1.00 19.83 ? 2  DG  A N7    1 
ATOM   31  C C5    . DG  A 1 2  ? 4.480   -6.629  15.574 1.00 18.52 ? 2  DG  A C5    1 
ATOM   32  C C6    . DG  A 1 2  ? 5.567   -5.912  15.029 1.00 20.67 ? 2  DG  A C6    1 
ATOM   33  O O6    . DG  A 1 2  ? 6.178   -6.178  14.011 1.00 22.10 ? 2  DG  A O6    1 
ATOM   34  N N1    . DG  A 1 2  ? 5.962   -4.812  15.801 1.00 19.98 ? 2  DG  A N1    1 
ATOM   35  C C2    . DG  A 1 2  ? 5.354   -4.455  16.974 1.00 18.29 ? 2  DG  A C2    1 
ATOM   36  N N2    . DG  A 1 2  ? 5.836   -3.387  17.605 1.00 16.57 ? 2  DG  A N2    1 
ATOM   37  N N3    . DG  A 1 2  ? 4.326   -5.145  17.476 1.00 19.19 ? 2  DG  A N3    1 
ATOM   38  C C4    . DG  A 1 2  ? 3.941   -6.212  16.736 1.00 16.09 ? 2  DG  A C4    1 
ATOM   39  P P     . DC  A 1 3  ? -2.095  -6.483  19.766 1.00 29.76 ? 3  DC  A P     1 
ATOM   40  O OP1   . DC  A 1 3  ? -2.818  -6.992  20.966 1.00 37.44 ? 3  DC  A OP1   1 
ATOM   41  O OP2   . DC  A 1 3  ? -2.686  -6.731  18.450 1.00 29.06 ? 3  DC  A OP2   1 
ATOM   42  O "O5'" . DC  A 1 3  ? -1.833  -4.925  19.973 1.00 26.63 ? 3  DC  A "O5'" 1 
ATOM   43  C "C5'" . DC  A 1 3  ? -0.698  -4.483  19.273 1.00 26.22 ? 3  DC  A "C5'" 1 
ATOM   44  C "C4'" . DC  A 1 3  ? -0.253  -3.161  19.600 1.00 22.17 ? 3  DC  A "C4'" 1 
ATOM   45  O "O4'" . DC  A 1 3  ? 0.966   -3.008  18.818 1.00 21.96 ? 3  DC  A "O4'" 1 
ATOM   46  C "C3'" . DC  A 1 3  ? -1.176  -2.143  19.052 1.00 21.58 ? 3  DC  A "C3'" 1 
ATOM   47  O "O3'" . DC  A 1 3  ? -1.288  -0.868  19.684 1.00 24.11 ? 3  DC  A "O3'" 1 
ATOM   48  C "C2'" . DC  A 1 3  ? -0.559  -1.914  17.702 1.00 20.82 ? 3  DC  A "C2'" 1 
ATOM   49  C "C1'" . DC  A 1 3  ? 0.908   -2.116  17.712 1.00 13.53 ? 3  DC  A "C1'" 1 
ATOM   50  N N1    . DC  A 1 3  ? 1.297   -2.851  16.497 1.00 12.58 ? 3  DC  A N1    1 
ATOM   51  C C2    . DC  A 1 3  ? 2.464   -2.566  15.768 1.00 10.51 ? 3  DC  A C2    1 
ATOM   52  O O2    . DC  A 1 3  ? 3.266   -1.693  16.098 1.00 7.20  ? 3  DC  A O2    1 
ATOM   53  N N3    . DC  A 1 3  ? 2.722   -3.293  14.644 1.00 4.81  ? 3  DC  A N3    1 
ATOM   54  C C4    . DC  A 1 3  ? 1.897   -4.240  14.252 1.00 3.06  ? 3  DC  A C4    1 
ATOM   55  N N4    . DC  A 1 3  ? 2.127   -4.961  13.202 1.00 3.86  ? 3  DC  A N4    1 
ATOM   56  C C5    . DC  A 1 3  ? 0.708   -4.549  14.970 1.00 12.16 ? 3  DC  A C5    1 
ATOM   57  C C6    . DC  A 1 3  ? 0.467   -3.827  16.076 1.00 11.50 ? 3  DC  A C6    1 
ATOM   58  P P     . DG  A 1 4  ? -2.454  0.096   19.070 1.00 27.66 ? 4  DG  A P     1 
ATOM   59  O OP1   . DG  A 1 4  ? -3.099  0.854   20.158 1.00 38.09 ? 4  DG  A OP1   1 
ATOM   60  O OP2   . DG  A 1 4  ? -3.310  -0.573  18.066 1.00 25.60 ? 4  DG  A OP2   1 
ATOM   61  O "O5'" . DG  A 1 4  ? -1.571  1.101   18.279 1.00 29.58 ? 4  DG  A "O5'" 1 
ATOM   62  C "C5'" . DG  A 1 4  ? -0.451  1.658   18.891 1.00 21.25 ? 4  DG  A "C5'" 1 
ATOM   63  C "C4'" . DG  A 1 4  ? 0.263   2.601   18.009 1.00 23.99 ? 4  DG  A "C4'" 1 
ATOM   64  O "O4'" . DG  A 1 4  ? 0.910   1.889   16.901 1.00 24.47 ? 4  DG  A "O4'" 1 
ATOM   65  C "C3'" . DG  A 1 4  ? -0.777  3.516   17.351 1.00 24.38 ? 4  DG  A "C3'" 1 
ATOM   66  O "O3'" . DG  A 1 4  ? -0.122  4.747   17.277 1.00 32.60 ? 4  DG  A "O3'" 1 
ATOM   67  C "C2'" . DG  A 1 4  ? -1.053  2.812   16.070 1.00 22.91 ? 4  DG  A "C2'" 1 
ATOM   68  C "C1'" . DG  A 1 4  ? 0.309   2.206   15.680 1.00 22.23 ? 4  DG  A "C1'" 1 
ATOM   69  N N9    . DG  A 1 4  ? 0.178   0.998   14.826 1.00 25.04 ? 4  DG  A N9    1 
ATOM   70  C C8    . DG  A 1 4  ? -0.898  0.151   14.734 1.00 28.60 ? 4  DG  A C8    1 
ATOM   71  N N7    . DG  A 1 4  ? -0.793  -0.804  13.844 1.00 26.56 ? 4  DG  A N7    1 
ATOM   72  C C5    . DG  A 1 4  ? 0.464   -0.569  13.296 1.00 27.95 ? 4  DG  A C5    1 
ATOM   73  C C6    . DG  A 1 4  ? 1.127   -1.295  12.253 1.00 27.42 ? 4  DG  A C6    1 
ATOM   74  O O6    . DG  A 1 4  ? 0.684   -2.279  11.669 1.00 27.04 ? 4  DG  A O6    1 
ATOM   75  N N1    . DG  A 1 4  ? 2.392   -0.756  11.949 1.00 25.46 ? 4  DG  A N1    1 
ATOM   76  C C2    . DG  A 1 4  ? 2.920   0.361   12.610 1.00 28.77 ? 4  DG  A C2    1 
ATOM   77  N N2    . DG  A 1 4  ? 4.107   0.817   12.224 1.00 20.82 ? 4  DG  A N2    1 
ATOM   78  N N3    . DG  A 1 4  ? 2.284   1.037   13.603 1.00 26.66 ? 4  DG  A N3    1 
ATOM   79  C C4    . DG  A 1 4  ? 1.065   0.522   13.891 1.00 25.58 ? 4  DG  A C4    1 
ATOM   80  P P     . DA  A 1 5  ? -0.730  6.114   16.703 1.00 45.71 ? 5  DA  A P     1 
ATOM   81  O OP1   . DA  A 1 5  ? -0.224  7.220   17.583 1.00 40.38 ? 5  DA  A OP1   1 
ATOM   82  O OP2   . DA  A 1 5  ? -2.203  5.931   16.459 1.00 43.94 ? 5  DA  A OP2   1 
ATOM   83  O "O5'" . DA  A 1 5  ? -0.018  6.261   15.239 1.00 43.04 ? 5  DA  A "O5'" 1 
ATOM   84  C "C5'" . DA  A 1 5  ? 1.417   6.452   15.282 1.00 38.45 ? 5  DA  A "C5'" 1 
ATOM   85  C "C4'" . DA  A 1 5  ? 2.243   6.466   13.965 1.00 34.98 ? 5  DA  A "C4'" 1 
ATOM   86  O "O4'" . DA  A 1 5  ? 2.209   5.172   13.293 1.00 29.54 ? 5  DA  A "O4'" 1 
ATOM   87  C "C3'" . DA  A 1 5  ? 1.603   7.456   13.001 1.00 32.46 ? 5  DA  A "C3'" 1 
ATOM   88  O "O3'" . DA  A 1 5  ? 2.684   8.030   12.281 1.00 31.22 ? 5  DA  A "O3'" 1 
ATOM   89  C "C2'" . DA  A 1 5  ? 0.677   6.543   12.240 1.00 29.73 ? 5  DA  A "C2'" 1 
ATOM   90  C "C1'" . DA  A 1 5  ? 1.426   5.229   12.124 1.00 25.82 ? 5  DA  A "C1'" 1 
ATOM   91  N N9    . DA  A 1 5  ? 0.510   4.077   12.035 1.00 23.96 ? 5  DA  A N9    1 
ATOM   92  C C8    . DA  A 1 5  ? -0.624  3.780   12.767 1.00 29.34 ? 5  DA  A C8    1 
ATOM   93  N N7    . DA  A 1 5  ? -1.263  2.677   12.406 1.00 25.73 ? 5  DA  A N7    1 
ATOM   94  C C5    . DA  A 1 5  ? -0.482  2.220   11.352 1.00 23.45 ? 5  DA  A C5    1 
ATOM   95  C C6    . DA  A 1 5  ? -0.595  1.105   10.533 1.00 23.36 ? 5  DA  A C6    1 
ATOM   96  N N6    . DA  A 1 5  ? -1.546  0.216   10.667 1.00 20.11 ? 5  DA  A N6    1 
ATOM   97  N N1    . DA  A 1 5  ? 0.334   0.921   9.579  1.00 25.27 ? 5  DA  A N1    1 
ATOM   98  C C2    . DA  A 1 5  ? 1.319   1.817   9.470  1.00 21.88 ? 5  DA  A C2    1 
ATOM   99  N N3    . DA  A 1 5  ? 1.547   2.898   10.169 1.00 20.35 ? 5  DA  A N3    1 
ATOM   100 C C4    . DA  A 1 5  ? 0.591   3.052   11.118 1.00 23.55 ? 5  DA  A C4    1 
ATOM   101 P P     . DA  A 1 6  ? 2.596   9.158   11.130 1.00 33.94 ? 6  DA  A P     1 
ATOM   102 O OP1   . DA  A 1 6  ? 3.877   9.903   11.244 1.00 28.34 ? 6  DA  A OP1   1 
ATOM   103 O OP2   . DA  A 1 6  ? 1.271   9.851   11.130 1.00 27.65 ? 6  DA  A OP2   1 
ATOM   104 O "O5'" . DA  A 1 6  ? 2.585   8.219   9.834  1.00 28.32 ? 6  DA  A "O5'" 1 
ATOM   105 C "C5'" . DA  A 1 6  ? 3.806   7.716   9.335  1.00 28.68 ? 6  DA  A "C5'" 1 
ATOM   106 C "C4'" . DA  A 1 6  ? 3.808   7.006   7.978  1.00 25.53 ? 6  DA  A "C4'" 1 
ATOM   107 O "O4'" . DA  A 1 6  ? 2.925   5.865   8.019  1.00 24.60 ? 6  DA  A "O4'" 1 
ATOM   108 C "C3'" . DA  A 1 6  ? 3.170   7.899   6.900  1.00 26.48 ? 6  DA  A "C3'" 1 
ATOM   109 O "O3'" . DA  A 1 6  ? 3.671   7.564   5.611  1.00 27.85 ? 6  DA  A "O3'" 1 
ATOM   110 C "C2'" . DA  A 1 6  ? 1.706   7.508   6.936  1.00 22.54 ? 6  DA  A "C2'" 1 
ATOM   111 C "C1'" . DA  A 1 6  ? 1.783   6.045   7.183  1.00 19.65 ? 6  DA  A "C1'" 1 
ATOM   112 N N9    . DA  A 1 6  ? 0.540   5.489   7.793  1.00 16.98 ? 6  DA  A N9    1 
ATOM   113 C C8    . DA  A 1 6  ? -0.332  6.008   8.686  1.00 19.45 ? 6  DA  A C8    1 
ATOM   114 N N7    . DA  A 1 6  ? -1.373  5.230   8.923  1.00 20.58 ? 6  DA  A N7    1 
ATOM   115 C C5    . DA  A 1 6  ? -1.172  4.120   8.133  1.00 17.79 ? 6  DA  A C5    1 
ATOM   116 C C6    . DA  A 1 6  ? -1.917  2.932   7.899  1.00 20.64 ? 6  DA  A C6    1 
ATOM   117 N N6    . DA  A 1 6  ? -3.056  2.549   8.489  1.00 19.88 ? 6  DA  A N6    1 
ATOM   118 N N1    . DA  A 1 6  ? -1.428  2.072   7.027  1.00 19.81 ? 6  DA  A N1    1 
ATOM   119 C C2    . DA  A 1 6  ? -0.267  2.380   6.451  1.00 22.74 ? 6  DA  A C2    1 
ATOM   120 N N3    . DA  A 1 6  ? 0.527   3.417   6.575  1.00 16.84 ? 6  DA  A N3    1 
ATOM   121 C C4    . DA  A 1 6  ? -0.002  4.277   7.448  1.00 18.27 ? 6  DA  A C4    1 
ATOM   122 P P     . DT  A 1 7  ? 3.702   8.492   4.309  1.00 22.84 ? 7  DT  A P     1 
ATOM   123 O OP1   . DT  A 1 7  ? 5.144   8.779   4.113  1.00 29.63 ? 7  DT  A OP1   1 
ATOM   124 O OP2   . DT  A 1 7  ? 2.744   9.611   4.219  1.00 23.15 ? 7  DT  A OP2   1 
ATOM   125 O "O5'" . DT  A 1 7  ? 3.346   7.397   3.281  1.00 22.85 ? 7  DT  A "O5'" 1 
ATOM   126 C "C5'" . DT  A 1 7  ? 2.265   6.681   3.668  1.00 21.60 ? 7  DT  A "C5'" 1 
ATOM   127 C "C4'" . DT  A 1 7  ? 2.003   5.614   2.767  1.00 21.87 ? 7  DT  A "C4'" 1 
ATOM   128 O "O4'" . DT  A 1 7  ? 0.961   4.877   3.405  1.00 20.18 ? 7  DT  A "O4'" 1 
ATOM   129 C "C3'" . DT  A 1 7  ? 1.476   6.158   1.472  1.00 22.29 ? 7  DT  A "C3'" 1 
ATOM   130 O "O3'" . DT  A 1 7  ? 1.743   5.216   0.417  1.00 25.12 ? 7  DT  A "O3'" 1 
ATOM   131 C "C2'" . DT  A 1 7  ? -0.009  6.251   1.849  1.00 20.75 ? 7  DT  A "C2'" 1 
ATOM   132 C "C1'" . DT  A 1 7  ? -0.238  5.048   2.718  1.00 18.89 ? 7  DT  A "C1'" 1 
ATOM   133 N N1    . DT  A 1 7  ? -1.323  5.183   3.726  1.00 20.76 ? 7  DT  A N1    1 
ATOM   134 C C2    . DT  A 1 7  ? -2.227  4.123   3.801  1.00 18.89 ? 7  DT  A C2    1 
ATOM   135 O O2    . DT  A 1 7  ? -2.178  3.098   3.127  1.00 19.16 ? 7  DT  A O2    1 
ATOM   136 N N3    . DT  A 1 7  ? -3.261  4.268   4.693  1.00 17.62 ? 7  DT  A N3    1 
ATOM   137 C C4    . DT  A 1 7  ? -3.472  5.333   5.499  1.00 13.11 ? 7  DT  A C4    1 
ATOM   138 O O4    . DT  A 1 7  ? -4.425  5.308   6.261  1.00 18.03 ? 7  DT  A O4    1 
ATOM   139 C C5    . DT  A 1 7  ? -2.504  6.369   5.370  1.00 13.11 ? 7  DT  A C5    1 
ATOM   140 C C7    . DT  A 1 7  ? -2.644  7.593   6.234  1.00 15.15 ? 7  DT  A C7    1 
ATOM   141 C C6    . DT  A 1 7  ? -1.481  6.281   4.513  1.00 14.89 ? 7  DT  A C6    1 
ATOM   142 P P     . DT  A 1 8  ? 1.575   5.666   -1.148 1.00 29.94 ? 8  DT  A P     1 
ATOM   143 O OP1   . DT  A 1 8  ? 2.657   4.975   -1.882 1.00 29.95 ? 8  DT  A OP1   1 
ATOM   144 O OP2   . DT  A 1 8  ? 1.357   7.124   -1.316 1.00 22.83 ? 8  DT  A OP2   1 
ATOM   145 O "O5'" . DT  A 1 8  ? 0.193   4.995   -1.570 1.00 26.59 ? 8  DT  A "O5'" 1 
ATOM   146 C "C5'" . DT  A 1 8  ? 0.250   3.588   -1.439 1.00 21.61 ? 8  DT  A "C5'" 1 
ATOM   147 C "C4'" . DT  A 1 8  ? -0.958  2.750   -1.702 1.00 21.47 ? 8  DT  A "C4'" 1 
ATOM   148 O "O4'" . DT  A 1 8  ? -1.957  2.900   -0.639 1.00 19.72 ? 8  DT  A "O4'" 1 
ATOM   149 C "C3'" . DT  A 1 8  ? -1.652  3.362   -2.907 1.00 23.84 ? 8  DT  A "C3'" 1 
ATOM   150 O "O3'" . DT  A 1 8  ? -2.191  2.290   -3.705 1.00 27.37 ? 8  DT  A "O3'" 1 
ATOM   151 C "C2'" . DT  A 1 8  ? -2.721  4.279   -2.231 1.00 22.92 ? 8  DT  A "C2'" 1 
ATOM   152 C "C1'" . DT  A 1 8  ? -3.162  3.473   -1.071 1.00 15.90 ? 8  DT  A "C1'" 1 
ATOM   153 N N1    . DT  A 1 8  ? -3.767  4.212   0.055  1.00 21.27 ? 8  DT  A N1    1 
ATOM   154 C C2    . DT  A 1 8  ? -4.833  3.622   0.831  1.00 21.65 ? 8  DT  A C2    1 
ATOM   155 O O2    . DT  A 1 8  ? -5.350  2.514   0.656  1.00 21.61 ? 8  DT  A O2    1 
ATOM   156 N N3    . DT  A 1 8  ? -5.385  4.387   1.853  1.00 16.54 ? 8  DT  A N3    1 
ATOM   157 C C4    . DT  A 1 8  ? -4.992  5.669   2.182  1.00 19.22 ? 8  DT  A C4    1 
ATOM   158 O O4    . DT  A 1 8  ? -5.540  6.251   3.124  1.00 17.45 ? 8  DT  A O4    1 
ATOM   159 C C5    . DT  A 1 8  ? -3.894  6.205   1.337  1.00 19.19 ? 8  DT  A C5    1 
ATOM   160 C C7    . DT  A 1 8  ? -3.353  7.627   1.580  1.00 14.95 ? 8  DT  A C7    1 
ATOM   161 C C6    . DT  A 1 8  ? -3.337  5.475   0.334  1.00 19.96 ? 8  DT  A C6    1 
ATOM   162 P P     . DC  A 1 9  ? -2.892  2.365   -5.165 1.00 31.99 ? 9  DC  A P     1 
ATOM   163 O OP1   . DC  A 1 9  ? -1.812  1.942   -6.082 1.00 37.86 ? 9  DC  A OP1   1 
ATOM   164 O OP2   . DC  A 1 9  ? -3.620  3.652   -5.370 1.00 26.18 ? 9  DC  A OP2   1 
ATOM   165 O "O5'" . DC  A 1 9  ? -3.901  1.145   -5.219 1.00 31.17 ? 9  DC  A "O5'" 1 
ATOM   166 C "C5'" . DC  A 1 9  ? -4.464  0.711   -3.999 1.00 31.62 ? 9  DC  A "C5'" 1 
ATOM   167 C "C4'" . DC  A 1 9  ? -5.866  0.286   -4.158 1.00 31.80 ? 9  DC  A "C4'" 1 
ATOM   168 O "O4'" . DC  A 1 9  ? -6.522  0.747   -2.931 1.00 33.30 ? 9  DC  A "O4'" 1 
ATOM   169 C "C3'" . DC  A 1 9  ? -6.503  0.991   -5.382 1.00 33.39 ? 9  DC  A "C3'" 1 
ATOM   170 O "O3'" . DC  A 1 9  ? -7.740  0.546   -5.948 1.00 38.80 ? 9  DC  A "O3'" 1 
ATOM   171 C "C2'" . DC  A 1 9  ? -6.940  2.225   -4.731 1.00 31.81 ? 9  DC  A "C2'" 1 
ATOM   172 C "C1'" . DC  A 1 9  ? -7.362  1.832   -3.296 1.00 25.31 ? 9  DC  A "C1'" 1 
ATOM   173 N N1    . DC  A 1 9  ? -7.255  3.057   -2.475 1.00 22.17 ? 9  DC  A N1    1 
ATOM   174 C C2    . DC  A 1 9  ? -8.122  3.223   -1.371 1.00 20.33 ? 9  DC  A C2    1 
ATOM   175 O O2    . DC  A 1 9  ? -8.884  2.327   -1.020 1.00 15.21 ? 9  DC  A O2    1 
ATOM   176 N N3    . DC  A 1 9  ? -8.114  4.432   -0.719 1.00 15.78 ? 9  DC  A N3    1 
ATOM   177 C C4    . DC  A 1 9  ? -7.307  5.424   -1.116 1.00 17.81 ? 9  DC  A C4    1 
ATOM   178 N N4    . DC  A 1 9  ? -7.284  6.582   -0.470 1.00 16.16 ? 9  DC  A N4    1 
ATOM   179 C C5    . DC  A 1 9  ? -6.415  5.275   -2.230 1.00 20.29 ? 9  DC  A C5    1 
ATOM   180 C C6    . DC  A 1 9  ? -6.427  4.085   -2.863 1.00 21.95 ? 9  DC  A C6    1 
ATOM   181 P P     . DG  A 1 10 ? -8.067  -0.863  -6.684 1.00 40.41 ? 10 DG  A P     1 
ATOM   182 O OP1   . DG  A 1 10 ? -7.644  -2.009  -5.807 1.00 39.55 ? 10 DG  A OP1   1 
ATOM   183 O OP2   . DG  A 1 10 ? -7.606  -0.750  -8.095 1.00 42.58 ? 10 DG  A OP2   1 
ATOM   184 O "O5'" . DG  A 1 10 ? -9.702  -0.757  -6.655 1.00 44.21 ? 10 DG  A "O5'" 1 
ATOM   185 C "C5'" . DG  A 1 10 ? -10.343 -1.161  -5.398 1.00 38.54 ? 10 DG  A "C5'" 1 
ATOM   186 C "C4'" . DG  A 1 10 ? -11.649 -0.542  -4.898 1.00 35.18 ? 10 DG  A "C4'" 1 
ATOM   187 O "O4'" . DG  A 1 10 ? -11.415 0.669   -4.160 1.00 31.80 ? 10 DG  A "O4'" 1 
ATOM   188 C "C3'" . DG  A 1 10 ? -12.473 -0.046  -6.124 1.00 36.96 ? 10 DG  A "C3'" 1 
ATOM   189 O "O3'" . DG  A 1 10 ? -13.839 0.102   -5.816 1.00 45.15 ? 10 DG  A "O3'" 1 
ATOM   190 C "C2'" . DG  A 1 10 ? -12.022 1.384   -6.304 1.00 33.71 ? 10 DG  A "C2'" 1 
ATOM   191 C "C1'" . DG  A 1 10 ? -11.977 1.781   -4.858 1.00 31.20 ? 10 DG  A "C1'" 1 
ATOM   192 N N9    . DG  A 1 10 ? -11.231 3.037   -4.555 1.00 30.62 ? 10 DG  A N9    1 
ATOM   193 C C8    . DG  A 1 10 ? -10.148 3.594   -5.192 1.00 30.30 ? 10 DG  A C8    1 
ATOM   194 N N7    . DG  A 1 10 ? -9.714  4.705   -4.668 1.00 28.47 ? 10 DG  A N7    1 
ATOM   195 C C5    . DG  A 1 10 ? -10.574 4.910   -3.595 1.00 26.76 ? 10 DG  A C5    1 
ATOM   196 C C6    . DG  A 1 10 ? -10.586 5.955   -2.661 1.00 25.38 ? 10 DG  A C6    1 
ATOM   197 O O6    . DG  A 1 10 ? -9.836  6.920   -2.615 1.00 26.25 ? 10 DG  A O6    1 
ATOM   198 N N1    . DG  A 1 10 ? -11.589 5.825   -1.727 1.00 26.41 ? 10 DG  A N1    1 
ATOM   199 C C2    . DG  A 1 10 ? -12.478 4.808   -1.694 1.00 24.52 ? 10 DG  A C2    1 
ATOM   200 N N2    . DG  A 1 10 ? -13.341 4.879   -0.722 1.00 29.49 ? 10 DG  A N2    1 
ATOM   201 N N3    . DG  A 1 10 ? -12.515 3.793   -2.558 1.00 26.81 ? 10 DG  A N3    1 
ATOM   202 C C4    . DG  A 1 10 ? -11.513 3.909   -3.502 1.00 29.25 ? 10 DG  A C4    1 
ATOM   203 P P     . DC  A 1 11 ? -14.992 -0.930  -6.235 1.00 49.02 ? 11 DC  A P     1 
ATOM   204 O OP1   . DC  A 1 11 ? -14.482 -2.310  -6.080 1.00 48.28 ? 11 DC  A OP1   1 
ATOM   205 O OP2   . DC  A 1 11 ? -15.598 -0.402  -7.489 1.00 46.94 ? 11 DC  A OP2   1 
ATOM   206 O "O5'" . DC  A 1 11 ? -16.023 -0.752  -5.064 1.00 48.05 ? 11 DC  A "O5'" 1 
ATOM   207 C "C5'" . DC  A 1 11 ? -15.575 -1.104  -3.758 1.00 43.86 ? 11 DC  A "C5'" 1 
ATOM   208 C "C4'" . DC  A 1 11 ? -16.262 -0.344  -2.615 1.00 41.80 ? 11 DC  A "C4'" 1 
ATOM   209 O "O4'" . DC  A 1 11 ? -15.716 0.988   -2.500 1.00 35.94 ? 11 DC  A "O4'" 1 
ATOM   210 C "C3'" . DC  A 1 11 ? -17.790 -0.215  -2.922 1.00 43.91 ? 11 DC  A "C3'" 1 
ATOM   211 O "O3'" . DC  A 1 11 ? -18.532 -0.154  -1.653 1.00 50.47 ? 11 DC  A "O3'" 1 
ATOM   212 C "C2'" . DC  A 1 11 ? -17.792 1.095   -3.688 1.00 39.03 ? 11 DC  A "C2'" 1 
ATOM   213 C "C1'" . DC  A 1 11 ? -16.700 1.877   -2.936 1.00 35.40 ? 11 DC  A "C1'" 1 
ATOM   214 N N1    . DC  A 1 11 ? -16.010 2.891   -3.703 1.00 29.22 ? 11 DC  A N1    1 
ATOM   215 C C2    . DC  A 1 11 ? -15.808 4.084   -3.100 1.00 26.98 ? 11 DC  A C2    1 
ATOM   216 O O2    . DC  A 1 11 ? -16.209 4.295   -1.964 1.00 30.76 ? 11 DC  A O2    1 
ATOM   217 N N3    . DC  A 1 11 ? -15.181 5.066   -3.771 1.00 24.39 ? 11 DC  A N3    1 
ATOM   218 C C4    . DC  A 1 11 ? -14.771 4.874   -5.009 1.00 27.06 ? 11 DC  A C4    1 
ATOM   219 N N4    . DC  A 1 11 ? -14.140 5.849   -5.647 1.00 22.47 ? 11 DC  A N4    1 
ATOM   220 C C5    . DC  A 1 11 ? -14.983 3.626   -5.660 1.00 32.08 ? 11 DC  A C5    1 
ATOM   221 C C6    . DC  A 1 11 ? -15.604 2.665   -4.958 1.00 31.03 ? 11 DC  A C6    1 
ATOM   222 P P     . DG  A 1 12 ? -20.165 -0.280  -1.473 1.00 52.63 ? 12 DG  A P     1 
ATOM   223 O OP1   . DG  A 1 12 ? -20.446 -1.496  -0.674 1.00 51.01 ? 12 DG  A OP1   1 
ATOM   224 O OP2   . DG  A 1 12 ? -20.839 -0.027  -2.792 1.00 48.69 ? 12 DG  A OP2   1 
ATOM   225 O "O5'" . DG  A 1 12 ? -20.409 0.988   -0.499 1.00 50.22 ? 12 DG  A "O5'" 1 
ATOM   226 C "C5'" . DG  A 1 12 ? -19.836 2.230   -0.924 1.00 46.52 ? 12 DG  A "C5'" 1 
ATOM   227 C "C4'" . DG  A 1 12 ? -20.738 3.366   -0.719 1.00 43.40 ? 12 DG  A "C4'" 1 
ATOM   228 O "O4'" . DG  A 1 12 ? -20.118 4.556   -1.293 1.00 39.51 ? 12 DG  A "O4'" 1 
ATOM   229 C "C3'" . DG  A 1 12 ? -22.056 3.075   -1.453 1.00 43.56 ? 12 DG  A "C3'" 1 
ATOM   230 O "O3'" . DG  A 1 12 ? -23.203 3.723   -0.832 1.00 43.34 ? 12 DG  A "O3'" 1 
ATOM   231 C "C2'" . DG  A 1 12 ? -21.721 3.683   -2.777 1.00 41.41 ? 12 DG  A "C2'" 1 
ATOM   232 C "C1'" . DG  A 1 12 ? -20.817 4.900   -2.483 1.00 40.19 ? 12 DG  A "C1'" 1 
ATOM   233 N N9    . DG  A 1 12 ? -19.889 5.114   -3.618 1.00 39.05 ? 12 DG  A N9    1 
ATOM   234 C C8    . DG  A 1 12 ? -19.668 4.251   -4.653 1.00 38.48 ? 12 DG  A C8    1 
ATOM   235 N N7    . DG  A 1 12 ? -18.850 4.660   -5.552 1.00 34.43 ? 12 DG  A N7    1 
ATOM   236 C C5    . DG  A 1 12 ? -18.484 5.898   -5.091 1.00 36.67 ? 12 DG  A C5    1 
ATOM   237 C C6    . DG  A 1 12 ? -17.597 6.806   -5.696 1.00 38.91 ? 12 DG  A C6    1 
ATOM   238 O O6    . DG  A 1 12 ? -17.002 6.648   -6.751 1.00 40.91 ? 12 DG  A O6    1 
ATOM   239 N N1    . DG  A 1 12 ? -17.470 7.954   -4.963 1.00 38.48 ? 12 DG  A N1    1 
ATOM   240 C C2    . DG  A 1 12 ? -18.125 8.197   -3.777 1.00 38.20 ? 12 DG  A C2    1 
ATOM   241 N N2    . DG  A 1 12 ? -17.885 9.379   -3.226 1.00 39.21 ? 12 DG  A N2    1 
ATOM   242 N N3    . DG  A 1 12 ? -18.969 7.342   -3.182 1.00 37.23 ? 12 DG  A N3    1 
ATOM   243 C C4    . DG  A 1 12 ? -19.102 6.205   -3.908 1.00 37.59 ? 12 DG  A C4    1 
ATOM   244 O "O5'" . DC  B 1 1  ? -13.346 16.693  -7.162 1.00 38.27 ? 13 DC  B "O5'" 1 
ATOM   245 C "C5'" . DC  B 1 1  ? -14.364 15.732  -6.870 1.00 33.34 ? 13 DC  B "C5'" 1 
ATOM   246 C "C4'" . DC  B 1 1  ? -14.332 15.231  -5.418 1.00 29.42 ? 13 DC  B "C4'" 1 
ATOM   247 O "O4'" . DC  B 1 1  ? -14.996 13.997  -5.392 1.00 29.11 ? 13 DC  B "O4'" 1 
ATOM   248 C "C3'" . DC  B 1 1  ? -12.949 14.851  -4.951 1.00 30.73 ? 13 DC  B "C3'" 1 
ATOM   249 O "O3'" . DC  B 1 1  ? -12.928 14.798  -3.551 1.00 29.23 ? 13 DC  B "O3'" 1 
ATOM   250 C "C2'" . DC  B 1 1  ? -12.782 13.435  -5.448 1.00 28.98 ? 13 DC  B "C2'" 1 
ATOM   251 C "C1'" . DC  B 1 1  ? -14.123 12.901  -5.227 1.00 28.74 ? 13 DC  B "C1'" 1 
ATOM   252 N N1    . DC  B 1 1  ? -14.622 11.891  -6.157 1.00 31.66 ? 13 DC  B N1    1 
ATOM   253 C C2    . DC  B 1 1  ? -15.417 10.890  -5.600 1.00 30.56 ? 13 DC  B C2    1 
ATOM   254 O O2    . DC  B 1 1  ? -15.657 10.871  -4.409 1.00 27.13 ? 13 DC  B O2    1 
ATOM   255 N N3    . DC  B 1 1  ? -15.968 9.940   -6.394 1.00 34.20 ? 13 DC  B N3    1 
ATOM   256 C C4    . DC  B 1 1  ? -15.743 9.986   -7.719 1.00 37.63 ? 13 DC  B C4    1 
ATOM   257 N N4    . DC  B 1 1  ? -16.308 9.069   -8.498 1.00 41.20 ? 13 DC  B N4    1 
ATOM   258 C C5    . DC  B 1 1  ? -14.923 11.009  -8.318 1.00 37.75 ? 13 DC  B C5    1 
ATOM   259 C C6    . DC  B 1 1  ? -14.382 11.935  -7.490 1.00 34.37 ? 13 DC  B C6    1 
ATOM   260 P P     . DG  B 1 2  ? -12.665 16.129  -2.717 1.00 33.59 ? 14 DG  B P     1 
ATOM   261 O OP1   . DG  B 1 2  ? -13.249 17.338  -3.371 1.00 31.64 ? 14 DG  B OP1   1 
ATOM   262 O OP2   . DG  B 1 2  ? -11.254 16.082  -2.285 1.00 32.82 ? 14 DG  B OP2   1 
ATOM   263 O "O5'" . DG  B 1 2  ? -13.560 15.834  -1.416 1.00 34.98 ? 14 DG  B "O5'" 1 
ATOM   264 C "C5'" . DG  B 1 2  ? -14.685 14.963  -1.567 1.00 31.09 ? 14 DG  B "C5'" 1 
ATOM   265 C "C4'" . DG  B 1 2  ? -15.148 14.370  -0.278 1.00 26.48 ? 14 DG  B "C4'" 1 
ATOM   266 O "O4'" . DG  B 1 2  ? -15.636 13.037  -0.626 1.00 26.37 ? 14 DG  B "O4'" 1 
ATOM   267 C "C3'" . DG  B 1 2  ? -14.037 14.231  0.771  1.00 29.00 ? 14 DG  B "C3'" 1 
ATOM   268 O "O3'" . DG  B 1 2  ? -14.656 14.317  2.065  1.00 31.36 ? 14 DG  B "O3'" 1 
ATOM   269 C "C2'" . DG  B 1 2  ? -13.498 12.900  0.411  1.00 27.60 ? 14 DG  B "C2'" 1 
ATOM   270 C "C1'" . DG  B 1 2  ? -14.685 12.066  -0.163 1.00 26.19 ? 14 DG  B "C1'" 1 
ATOM   271 N N9    . DG  B 1 2  ? -14.120 11.256  -1.247 1.00 21.73 ? 14 DG  B N9    1 
ATOM   272 C C8    . DG  B 1 2  ? -13.137 11.612  -2.110 1.00 20.41 ? 14 DG  B C8    1 
ATOM   273 N N7    . DG  B 1 2  ? -12.782 10.711  -2.945 1.00 18.35 ? 14 DG  B N7    1 
ATOM   274 C C5    . DG  B 1 2  ? -13.591 9.658   -2.618 1.00 21.50 ? 14 DG  B C5    1 
ATOM   275 C C6    . DG  B 1 2  ? -13.641 8.388   -3.205 1.00 22.53 ? 14 DG  B C6    1 
ATOM   276 O O6    . DG  B 1 2  ? -12.963 7.959   -4.156 1.00 25.28 ? 14 DG  B O6    1 
ATOM   277 N N1    . DG  B 1 2  ? -14.592 7.619   -2.578 1.00 22.81 ? 14 DG  B N1    1 
ATOM   278 C C2    . DG  B 1 2  ? -15.382 8.028   -1.536 1.00 25.79 ? 14 DG  B C2    1 
ATOM   279 N N2    . DG  B 1 2  ? -16.220 7.139   -1.059 1.00 28.20 ? 14 DG  B N2    1 
ATOM   280 N N3    . DG  B 1 2  ? -15.355 9.217   -0.975 1.00 24.74 ? 14 DG  B N3    1 
ATOM   281 C C4    . DG  B 1 2  ? -14.424 9.983   -1.573 1.00 23.33 ? 14 DG  B C4    1 
ATOM   282 P P     . DC  B 1 3  ? -14.280 13.732  3.473  1.00 28.33 ? 15 DC  B P     1 
ATOM   283 O OP1   . DC  B 1 3  ? -15.438 14.246  4.263  1.00 34.77 ? 15 DC  B OP1   1 
ATOM   284 O OP2   . DC  B 1 3  ? -12.901 13.990  3.934  1.00 24.34 ? 15 DC  B OP2   1 
ATOM   285 O "O5'" . DC  B 1 3  ? -14.361 12.148  3.318  1.00 27.38 ? 15 DC  B "O5'" 1 
ATOM   286 C "C5'" . DC  B 1 3  ? -15.485 11.589  3.978  1.00 23.96 ? 15 DC  B "C5'" 1 
ATOM   287 C "C4'" . DC  B 1 3  ? -15.563 10.107  4.139  1.00 23.09 ? 15 DC  B "C4'" 1 
ATOM   288 O "O4'" . DC  B 1 3  ? -15.188 9.416   2.905  1.00 24.45 ? 15 DC  B "O4'" 1 
ATOM   289 C "C3'" . DC  B 1 3  ? -14.547 9.759   5.152  1.00 20.11 ? 15 DC  B "C3'" 1 
ATOM   290 O "O3'" . DC  B 1 3  ? -14.830 8.619   5.851  1.00 19.72 ? 15 DC  B "O3'" 1 
ATOM   291 C "C2'" . DC  B 1 3  ? -13.358 9.441   4.322  1.00 23.51 ? 15 DC  B "C2'" 1 
ATOM   292 C "C1'" . DC  B 1 3  ? -13.938 8.768   3.098  1.00 22.68 ? 15 DC  B "C1'" 1 
ATOM   293 N N1    . DC  B 1 3  ? -12.920 8.915   2.032  1.00 24.55 ? 15 DC  B N1    1 
ATOM   294 C C2    . DC  B 1 3  ? -12.797 7.903   1.118  1.00 25.32 ? 15 DC  B C2    1 
ATOM   295 O O2    . DC  B 1 3  ? -13.561 6.949   1.099  1.00 22.85 ? 15 DC  B O2    1 
ATOM   296 N N3    . DC  B 1 3  ? -11.802 7.958   0.187  1.00 28.78 ? 15 DC  B N3    1 
ATOM   297 C C4    . DC  B 1 3  ? -10.963 8.977   0.157  1.00 28.10 ? 15 DC  B C4    1 
ATOM   298 N N4    . DC  B 1 3  ? -10.022 9.007   -0.779 1.00 31.48 ? 15 DC  B N4    1 
ATOM   299 C C5    . DC  B 1 3  ? -11.073 10.046  1.096  1.00 27.01 ? 15 DC  B C5    1 
ATOM   300 C C6    . DC  B 1 3  ? -12.058 9.970   1.999  1.00 24.65 ? 15 DC  B C6    1 
ATOM   301 P P     . DG  B 1 4  ? -14.502 8.656   7.439  1.00 18.35 ? 16 DG  B P     1 
ATOM   302 O OP1   . DG  B 1 4  ? -15.618 9.340   8.103  1.00 31.14 ? 16 DG  B OP1   1 
ATOM   303 O OP2   . DG  B 1 4  ? -13.140 9.117   7.753  1.00 22.42 ? 16 DG  B OP2   1 
ATOM   304 O "O5'" . DG  B 1 4  ? -14.650 7.082   7.663  1.00 23.98 ? 16 DG  B "O5'" 1 
ATOM   305 C "C5'" . DG  B 1 4  ? -15.808 6.424   7.126  1.00 16.06 ? 16 DG  B "C5'" 1 
ATOM   306 C "C4'" . DG  B 1 4  ? -15.567 5.052   6.610  1.00 18.48 ? 16 DG  B "C4'" 1 
ATOM   307 O "O4'" . DG  B 1 4  ? -14.649 5.056   5.427  1.00 22.32 ? 16 DG  B "O4'" 1 
ATOM   308 C "C3'" . DG  B 1 4  ? -14.762 4.289   7.662  1.00 21.42 ? 16 DG  B "C3'" 1 
ATOM   309 O "O3'" . DG  B 1 4  ? -15.300 2.932   7.615  1.00 26.17 ? 16 DG  B "O3'" 1 
ATOM   310 C "C2'" . DG  B 1 4  ? -13.284 4.500   7.185  1.00 21.42 ? 16 DG  B "C2'" 1 
ATOM   311 C "C1'" . DG  B 1 4  ? -13.313 4.478   5.654  1.00 19.77 ? 16 DG  B "C1'" 1 
ATOM   312 N N9    . DG  B 1 4  ? -12.180 5.275   4.952  1.00 17.78 ? 16 DG  B N9    1 
ATOM   313 C C8    . DG  B 1 4  ? -11.585 6.442   5.331  1.00 15.92 ? 16 DG  B C8    1 
ATOM   314 N N7    . DG  B 1 4  ? -10.678 6.924   4.536  1.00 8.52  ? 16 DG  B N7    1 
ATOM   315 C C5    . DG  B 1 4  ? -10.636 6.007   3.514  1.00 13.47 ? 16 DG  B C5    1 
ATOM   316 C C6    . DG  B 1 4  ? -9.807  6.008   2.345  1.00 14.31 ? 16 DG  B C6    1 
ATOM   317 O O6    . DG  B 1 4  ? -8.981  6.836   1.966  1.00 15.39 ? 16 DG  B O6    1 
ATOM   318 N N1    . DG  B 1 4  ? -10.023 4.935   1.554  1.00 12.25 ? 16 DG  B N1    1 
ATOM   319 C C2    . DG  B 1 4  ? -10.932 3.936   1.809  1.00 20.62 ? 16 DG  B C2    1 
ATOM   320 N N2    . DG  B 1 4  ? -10.941 2.964   0.887  1.00 19.28 ? 16 DG  B N2    1 
ATOM   321 N N3    . DG  B 1 4  ? -11.735 3.906   2.899  1.00 15.58 ? 16 DG  B N3    1 
ATOM   322 C C4    . DG  B 1 4  ? -11.533 4.985   3.727  1.00 15.42 ? 16 DG  B C4    1 
ATOM   323 P P     . DA  B 1 5  ? -14.683 1.544   8.128  1.00 26.91 ? 17 DA  B P     1 
ATOM   324 O OP1   . DA  B 1 5  ? -15.789 0.617   8.408  1.00 26.66 ? 17 DA  B OP1   1 
ATOM   325 O OP2   . DA  B 1 5  ? -13.684 1.893   9.147  1.00 27.02 ? 17 DA  B OP2   1 
ATOM   326 O "O5'" . DA  B 1 5  ? -13.928 0.948   6.864  1.00 25.74 ? 17 DA  B "O5'" 1 
ATOM   327 C "C5'" . DA  B 1 5  ? -14.652 0.434   5.792  1.00 13.42 ? 17 DA  B "C5'" 1 
ATOM   328 C "C4'" . DA  B 1 5  ? -13.770 -0.397  4.903  1.00 26.07 ? 17 DA  B "C4'" 1 
ATOM   329 O "O4'" . DA  B 1 5  ? -12.679 0.436   4.376  1.00 28.39 ? 17 DA  B "O4'" 1 
ATOM   330 C "C3'" . DA  B 1 5  ? -13.026 -1.486  5.717  1.00 24.99 ? 17 DA  B "C3'" 1 
ATOM   331 O "O3'" . DA  B 1 5  ? -12.764 -2.619  4.886  1.00 28.85 ? 17 DA  B "O3'" 1 
ATOM   332 C "C2'" . DA  B 1 5  ? -11.737 -0.774  6.098  1.00 28.21 ? 17 DA  B "C2'" 1 
ATOM   333 C "C1'" . DA  B 1 5  ? -11.376 0.096   4.878  1.00 25.63 ? 17 DA  B "C1'" 1 
ATOM   334 N N9    . DA  B 1 5  ? -10.540 1.318   5.221  1.00 23.83 ? 17 DA  B N9    1 
ATOM   335 C C8    . DA  B 1 5  ? -10.553 2.088   6.356  1.00 22.29 ? 17 DA  B C8    1 
ATOM   336 N N7    . DA  B 1 5  ? -9.701  3.086   6.351  1.00 22.50 ? 17 DA  B N7    1 
ATOM   337 C C5    . DA  B 1 5  ? -9.073  2.974   5.126  1.00 20.15 ? 17 DA  B C5    1 
ATOM   338 C C6    . DA  B 1 5  ? -8.034  3.737   4.506  1.00 23.03 ? 17 DA  B C6    1 
ATOM   339 N N6    . DA  B 1 5  ? -7.471  4.823   5.067  1.00 16.54 ? 17 DA  B N6    1 
ATOM   340 N N1    . DA  B 1 5  ? -7.612  3.341   3.278  1.00 17.95 ? 17 DA  B N1    1 
ATOM   341 C C2    . DA  B 1 5  ? -8.198  2.274   2.728  1.00 17.76 ? 17 DA  B C2    1 
ATOM   342 N N3    . DA  B 1 5  ? -9.175  1.490   3.201  1.00 24.38 ? 17 DA  B N3    1 
ATOM   343 C C4    . DA  B 1 5  ? -9.574  1.903   4.433  1.00 20.41 ? 17 DA  B C4    1 
ATOM   344 P P     . DA  B 1 6  ? -12.112 -4.067  5.292  1.00 32.42 ? 18 DA  B P     1 
ATOM   345 O OP1   . DA  B 1 6  ? -13.217 -5.063  5.221  1.00 34.95 ? 18 DA  B OP1   1 
ATOM   346 O OP2   . DA  B 1 6  ? -11.235 -3.953  6.498  1.00 23.98 ? 18 DA  B OP2   1 
ATOM   347 O "O5'" . DA  B 1 6  ? -11.209 -4.343  3.941  1.00 32.18 ? 18 DA  B "O5'" 1 
ATOM   348 C "C5'" . DA  B 1 6  ? -10.379 -3.249  3.542  1.00 34.23 ? 18 DA  B "C5'" 1 
ATOM   349 C "C4'" . DA  B 1 6  ? -9.128  -3.448  2.713  1.00 31.94 ? 18 DA  B "C4'" 1 
ATOM   350 O "O4'" . DA  B 1 6  ? -8.442  -2.212  2.868  1.00 27.91 ? 18 DA  B "O4'" 1 
ATOM   351 C "C3'" . DA  B 1 6  ? -8.174  -4.557  3.205  1.00 33.79 ? 18 DA  B "C3'" 1 
ATOM   352 O "O3'" . DA  B 1 6  ? -7.241  -4.982  2.138  1.00 39.14 ? 18 DA  B "O3'" 1 
ATOM   353 C "C2'" . DA  B 1 6  ? -7.419  -3.803  4.278  1.00 28.20 ? 18 DA  B "C2'" 1 
ATOM   354 C "C1'" . DA  B 1 6  ? -7.320  -2.432  3.698  1.00 24.45 ? 18 DA  B "C1'" 1 
ATOM   355 N N9    . DA  B 1 6  ? -7.256  -1.355  4.702  1.00 20.64 ? 18 DA  B N9    1 
ATOM   356 C C8    . DA  B 1 6  ? -7.948  -1.151  5.873  1.00 14.12 ? 18 DA  B C8    1 
ATOM   357 N N7    . DA  B 1 6  ? -7.579  -0.080  6.507  1.00 13.08 ? 18 DA  B N7    1 
ATOM   358 C C5    . DA  B 1 6  ? -6.577  0.479   5.708  1.00 17.30 ? 18 DA  B C5    1 
ATOM   359 C C6    . DA  B 1 6  ? -5.793  1.626   5.827  1.00 16.51 ? 18 DA  B C6    1 
ATOM   360 N N6    . DA  B 1 6  ? -5.919  2.492   6.827  1.00 21.51 ? 18 DA  B N6    1 
ATOM   361 N N1    . DA  B 1 6  ? -4.897  1.882   4.866  1.00 17.56 ? 18 DA  B N1    1 
ATOM   362 C C2    . DA  B 1 6  ? -4.797  1.042   3.840  1.00 16.03 ? 18 DA  B C2    1 
ATOM   363 N N3    . DA  B 1 6  ? -5.469  -0.069  3.586  1.00 11.06 ? 18 DA  B N3    1 
ATOM   364 C C4    . DA  B 1 6  ? -6.364  -0.292  4.595  1.00 17.23 ? 18 DA  B C4    1 
ATOM   365 P P     . DT  B 1 7  ? -6.267  -6.316  2.227  1.00 38.33 ? 19 DT  B P     1 
ATOM   366 O OP1   . DT  B 1 7  ? -6.443  -7.042  0.950  1.00 38.47 ? 19 DT  B OP1   1 
ATOM   367 O OP2   . DT  B 1 7  ? -6.538  -6.973  3.542  1.00 35.42 ? 19 DT  B OP2   1 
ATOM   368 O "O5'" . DT  B 1 7  ? -4.806  -5.808  2.286  1.00 35.56 ? 19 DT  B "O5'" 1 
ATOM   369 C "C5'" . DT  B 1 7  ? -4.689  -4.406  2.235  1.00 38.41 ? 19 DT  B "C5'" 1 
ATOM   370 C "C4'" . DT  B 1 7  ? -3.437  -3.897  1.685  1.00 36.37 ? 19 DT  B "C4'" 1 
ATOM   371 O "O4'" . DT  B 1 7  ? -3.321  -2.590  2.246  1.00 32.10 ? 19 DT  B "O4'" 1 
ATOM   372 C "C3'" . DT  B 1 7  ? -2.273  -4.754  2.116  1.00 38.04 ? 19 DT  B "C3'" 1 
ATOM   373 O "O3'" . DT  B 1 7  ? -1.213  -4.629  1.134  1.00 36.72 ? 19 DT  B "O3'" 1 
ATOM   374 C "C2'" . DT  B 1 7  ? -2.010  -4.082  3.446  1.00 32.60 ? 19 DT  B "C2'" 1 
ATOM   375 C "C1'" . DT  B 1 7  ? -2.321  -2.612  3.236  1.00 30.25 ? 19 DT  B "C1'" 1 
ATOM   376 N N1    . DT  B 1 7  ? -2.784  -2.023  4.497  1.00 24.18 ? 19 DT  B N1    1 
ATOM   377 C C2    . DT  B 1 7  ? -2.193  -0.841  4.900  1.00 22.97 ? 19 DT  B C2    1 
ATOM   378 O O2    . DT  B 1 7  ? -1.342  -0.203  4.286  1.00 21.69 ? 19 DT  B O2    1 
ATOM   379 N N3    . DT  B 1 7  ? -2.585  -0.378  6.112  1.00 22.01 ? 19 DT  B N3    1 
ATOM   380 C C4    . DT  B 1 7  ? -3.497  -0.971  6.952  1.00 19.68 ? 19 DT  B C4    1 
ATOM   381 O O4    . DT  B 1 7  ? -3.727  -0.466  8.029  1.00 21.30 ? 19 DT  B O4    1 
ATOM   382 C C5    . DT  B 1 7  ? -4.075  -2.171  6.481  1.00 22.76 ? 19 DT  B C5    1 
ATOM   383 C C7    . DT  B 1 7  ? -5.106  -2.857  7.358  1.00 21.85 ? 19 DT  B C7    1 
ATOM   384 C C6    . DT  B 1 7  ? -3.714  -2.666  5.280  1.00 24.79 ? 19 DT  B C6    1 
ATOM   385 P P     . DT  B 1 8  ? 0.133   -5.543  1.203  1.00 37.20 ? 20 DT  B P     1 
ATOM   386 O OP1   . DT  B 1 8  ? 0.307   -6.166  -0.116 1.00 44.09 ? 20 DT  B OP1   1 
ATOM   387 O OP2   . DT  B 1 8  ? 0.233   -6.381  2.406  1.00 37.07 ? 20 DT  B OP2   1 
ATOM   388 O "O5'" . DT  B 1 8  ? 1.283   -4.443  1.336  1.00 36.45 ? 20 DT  B "O5'" 1 
ATOM   389 C "C5'" . DT  B 1 8  ? 1.012   -3.367  2.222  1.00 29.09 ? 20 DT  B "C5'" 1 
ATOM   390 C "C4'" . DT  B 1 8  ? 2.112   -2.445  2.334  1.00 23.86 ? 20 DT  B "C4'" 1 
ATOM   391 O "O4'" . DT  B 1 8  ? 1.766   -1.627  3.474  1.00 22.51 ? 20 DT  B "O4'" 1 
ATOM   392 C "C3'" . DT  B 1 8  ? 3.394   -3.147  2.685  1.00 23.95 ? 20 DT  B "C3'" 1 
ATOM   393 O "O3'" . DT  B 1 8  ? 4.468   -2.341  2.237  1.00 23.37 ? 20 DT  B "O3'" 1 
ATOM   394 C "C2'" . DT  B 1 8  ? 3.292   -3.205  4.232  1.00 16.89 ? 20 DT  B "C2'" 1 
ATOM   395 C "C1'" . DT  B 1 8  ? 2.572   -1.930  4.639  1.00 16.40 ? 20 DT  B "C1'" 1 
ATOM   396 N N1    . DT  B 1 8  ? 1.582   -2.048  5.769  1.00 15.98 ? 20 DT  B N1    1 
ATOM   397 C C2    . DT  B 1 8  ? 1.435   -0.974  6.667  1.00 18.41 ? 20 DT  B C2    1 
ATOM   398 O O2    . DT  B 1 8  ? 2.096   0.069   6.598  1.00 17.64 ? 20 DT  B O2    1 
ATOM   399 N N3    . DT  B 1 8  ? 0.472   -1.138  7.708  1.00 18.69 ? 20 DT  B N3    1 
ATOM   400 C C4    . DT  B 1 8  ? -0.320  -2.285  7.881  1.00 16.81 ? 20 DT  B C4    1 
ATOM   401 O O4    . DT  B 1 8  ? -1.158  -2.382  8.782  1.00 23.16 ? 20 DT  B O4    1 
ATOM   402 C C5    . DT  B 1 8  ? -0.081  -3.310  6.912  1.00 9.68  ? 20 DT  B C5    1 
ATOM   403 C C7    . DT  B 1 8  ? -0.850  -4.567  7.076  1.00 9.47  ? 20 DT  B C7    1 
ATOM   404 C C6    . DT  B 1 8  ? 0.818   -3.180  5.917  1.00 11.52 ? 20 DT  B C6    1 
ATOM   405 P P     . DC  B 1 9  ? 6.019   -2.682  2.602  1.00 22.81 ? 21 DC  B P     1 
ATOM   406 O OP1   . DC  B 1 9  ? 6.860   -1.839  1.724  1.00 28.66 ? 21 DC  B OP1   1 
ATOM   407 O OP2   . DC  B 1 9  ? 6.183   -4.145  2.551  1.00 27.71 ? 21 DC  B OP2   1 
ATOM   408 O "O5'" . DC  B 1 9  ? 6.227   -2.220  4.111  1.00 27.49 ? 21 DC  B "O5'" 1 
ATOM   409 C "C5'" . DC  B 1 9  ? 5.913   -0.861  4.300  1.00 23.90 ? 21 DC  B "C5'" 1 
ATOM   410 C "C4'" . DC  B 1 9  ? 6.774   -0.093  5.187  1.00 24.12 ? 21 DC  B "C4'" 1 
ATOM   411 O "O4'" . DC  B 1 9  ? 6.001   0.055   6.395  1.00 26.18 ? 21 DC  B "O4'" 1 
ATOM   412 C "C3'" . DC  B 1 9  ? 8.114   -0.739  5.471  1.00 24.31 ? 21 DC  B "C3'" 1 
ATOM   413 O "O3'" . DC  B 1 9  ? 9.088   0.316   5.688  1.00 22.93 ? 21 DC  B "O3'" 1 
ATOM   414 C "C2'" . DC  B 1 9  ? 7.667   -1.548  6.697  1.00 24.28 ? 21 DC  B "C2'" 1 
ATOM   415 C "C1'" . DC  B 1 9  ? 6.547   -0.763  7.432  1.00 20.06 ? 21 DC  B "C1'" 1 
ATOM   416 N N1    . DC  B 1 9  ? 5.361   -1.543  7.954  1.00 18.18 ? 21 DC  B N1    1 
ATOM   417 C C2    . DC  B 1 9  ? 4.553   -0.960  8.971  1.00 11.53 ? 21 DC  B C2    1 
ATOM   418 O O2    . DC  B 1 9  ? 4.795   0.158   9.428  1.00 4.53  ? 21 DC  B O2    1 
ATOM   419 N N3    . DC  B 1 9  ? 3.468   -1.655  9.451  1.00 13.00 ? 21 DC  B N3    1 
ATOM   420 C C4    . DC  B 1 9  ? 3.175   -2.858  8.967  1.00 13.60 ? 21 DC  B C4    1 
ATOM   421 N N4    . DC  B 1 9  ? 2.133   -3.513  9.465  1.00 13.40 ? 21 DC  B N4    1 
ATOM   422 C C5    . DC  B 1 9  ? 3.970   -3.468  7.933  1.00 13.29 ? 21 DC  B C5    1 
ATOM   423 C C6    . DC  B 1 9  ? 5.040   -2.781  7.466  1.00 16.54 ? 21 DC  B C6    1 
ATOM   424 P P     . DG  B 1 10 ? 10.584  0.054   6.248  1.00 27.96 ? 22 DG  B P     1 
ATOM   425 O OP1   . DG  B 1 10 ? 11.470  1.246   6.091  1.00 24.08 ? 22 DG  B OP1   1 
ATOM   426 O OP2   . DG  B 1 10 ? 11.032  -1.306  5.861  1.00 29.66 ? 22 DG  B OP2   1 
ATOM   427 O "O5'" . DG  B 1 10 ? 10.293  -0.009  7.844  1.00 31.98 ? 22 DG  B "O5'" 1 
ATOM   428 C "C5'" . DG  B 1 10 ? 10.518  1.158   8.698  1.00 27.97 ? 22 DG  B "C5'" 1 
ATOM   429 C "C4'" . DG  B 1 10 ? 10.494  1.025   10.262 1.00 21.92 ? 22 DG  B "C4'" 1 
ATOM   430 O "O4'" . DG  B 1 10 ? 9.250   0.460   10.758 1.00 25.46 ? 22 DG  B "O4'" 1 
ATOM   431 C "C3'" . DG  B 1 10 ? 11.498  -0.014  10.649 1.00 24.39 ? 22 DG  B "C3'" 1 
ATOM   432 O "O3'" . DG  B 1 10 ? 11.905  0.153   11.945 1.00 27.11 ? 22 DG  B "O3'" 1 
ATOM   433 C "C2'" . DG  B 1 10 ? 10.724  -1.317  10.653 1.00 23.13 ? 22 DG  B "C2'" 1 
ATOM   434 C "C1'" . DG  B 1 10 ? 9.449   -0.861  11.273 1.00 18.85 ? 22 DG  B "C1'" 1 
ATOM   435 N N9    . DG  B 1 10 ? 8.368   -1.874  11.073 1.00 16.25 ? 22 DG  B N9    1 
ATOM   436 C C8    . DG  B 1 10 ? 8.259   -2.878  10.194 1.00 13.17 ? 22 DG  B C8    1 
ATOM   437 N N7    . DG  B 1 10 ? 7.208   -3.620  10.373 1.00 14.29 ? 22 DG  B N7    1 
ATOM   438 C C5    . DG  B 1 10 ? 6.565   -3.079  11.453 1.00 11.92 ? 22 DG  B C5    1 
ATOM   439 C C6    . DG  B 1 10 ? 5.370   -3.474  12.104 1.00 14.76 ? 22 DG  B C6    1 
ATOM   440 O O6    . DG  B 1 10 ? 4.644   -4.441  11.836 1.00 10.88 ? 22 DG  B O6    1 
ATOM   441 N N1    . DG  B 1 10 ? 5.063   -2.636  13.162 1.00 9.89  ? 22 DG  B N1    1 
ATOM   442 C C2    . DG  B 1 10 ? 5.821   -1.598  13.512 1.00 15.34 ? 22 DG  B C2    1 
ATOM   443 N N2    . DG  B 1 10 ? 5.390   -0.917  14.516 1.00 16.48 ? 22 DG  B N2    1 
ATOM   444 N N3    . DG  B 1 10 ? 6.940   -1.214  12.930 1.00 13.96 ? 22 DG  B N3    1 
ATOM   445 C C4    . DG  B 1 10 ? 7.256   -2.002  11.897 1.00 15.91 ? 22 DG  B C4    1 
ATOM   446 P P     . DC  B 1 11 ? 13.148  1.008   12.316 1.00 34.09 ? 23 DC  B P     1 
ATOM   447 O OP1   . DC  B 1 11 ? 13.007  2.408   11.814 1.00 35.13 ? 23 DC  B OP1   1 
ATOM   448 O OP2   . DC  B 1 11 ? 14.352  0.192   12.108 1.00 29.55 ? 23 DC  B OP2   1 
ATOM   449 O "O5'" . DC  B 1 11 ? 12.846  1.046   13.850 1.00 33.32 ? 23 DC  B "O5'" 1 
ATOM   450 C "C5'" . DC  B 1 11 ? 11.682  1.847   14.106 1.00 33.45 ? 23 DC  B "C5'" 1 
ATOM   451 C "C4'" . DC  B 1 11 ? 11.031  1.731   15.455 1.00 29.53 ? 23 DC  B "C4'" 1 
ATOM   452 O "O4'" . DC  B 1 11 ? 9.912   0.842   15.332 1.00 29.66 ? 23 DC  B "O4'" 1 
ATOM   453 C "C3'" . DC  B 1 11 ? 12.048  1.142   16.403 1.00 28.52 ? 23 DC  B "C3'" 1 
ATOM   454 O "O3'" . DC  B 1 11 ? 11.993  1.505   17.783 1.00 30.42 ? 23 DC  B "O3'" 1 
ATOM   455 C "C2'" . DC  B 1 11 ? 11.691  -0.275  16.237 1.00 28.20 ? 23 DC  B "C2'" 1 
ATOM   456 C "C1'" . DC  B 1 11 ? 10.220  -0.342  16.014 1.00 27.70 ? 23 DC  B "C1'" 1 
ATOM   457 N N1    . DC  B 1 11 ? 9.891   -1.586  15.245 1.00 27.45 ? 23 DC  B N1    1 
ATOM   458 C C2    . DC  B 1 11 ? 8.694   -2.199  15.557 1.00 25.38 ? 23 DC  B C2    1 
ATOM   459 O O2    . DC  B 1 11 ? 7.910   -1.741  16.355 1.00 26.77 ? 23 DC  B O2    1 
ATOM   460 N N3    . DC  B 1 11 ? 8.365   -3.349  14.963 1.00 27.24 ? 23 DC  B N3    1 
ATOM   461 C C4    . DC  B 1 11 ? 9.188   -3.901  14.076 1.00 21.99 ? 23 DC  B C4    1 
ATOM   462 N N4    . DC  B 1 11 ? 8.775   -5.012  13.536 1.00 12.82 ? 23 DC  B N4    1 
ATOM   463 C C5    . DC  B 1 11 ? 10.433  -3.319  13.710 1.00 22.93 ? 23 DC  B C5    1 
ATOM   464 C C6    . DC  B 1 11 ? 10.739  -2.156  14.321 1.00 26.92 ? 23 DC  B C6    1 
ATOM   465 P P     . DG  B 1 12 ? 13.207  0.996   18.831 1.00 32.60 ? 24 DG  B P     1 
ATOM   466 O OP1   . DG  B 1 12 ? 14.177  2.078   19.057 1.00 36.26 ? 24 DG  B OP1   1 
ATOM   467 O OP2   . DG  B 1 12 ? 13.705  -0.368  18.538 1.00 32.60 ? 24 DG  B OP2   1 
ATOM   468 O "O5'" . DG  B 1 12 ? 12.323  0.862   20.131 1.00 33.71 ? 24 DG  B "O5'" 1 
ATOM   469 C "C5'" . DG  B 1 12 ? 11.006  0.390   19.881 1.00 34.47 ? 24 DG  B "C5'" 1 
ATOM   470 C "C4'" . DG  B 1 12 ? 10.399  -0.162  21.053 1.00 34.94 ? 24 DG  B "C4'" 1 
ATOM   471 O "O4'" . DG  B 1 12 ? 9.371   -1.059  20.533 1.00 32.85 ? 24 DG  B "O4'" 1 
ATOM   472 C "C3'" . DG  B 1 12 ? 11.458  -0.876  21.892 1.00 33.84 ? 24 DG  B "C3'" 1 
ATOM   473 O "O3'" . DG  B 1 12 ? 11.202  -0.908  23.314 1.00 40.11 ? 24 DG  B "O3'" 1 
ATOM   474 C "C2'" . DG  B 1 12 ? 11.316  -2.173  21.242 1.00 30.89 ? 24 DG  B "C2'" 1 
ATOM   475 C "C1'" . DG  B 1 12 ? 9.872   -2.381  20.704 1.00 28.24 ? 24 DG  B "C1'" 1 
ATOM   476 N N9    . DG  B 1 12 ? 10.149  -3.170  19.485 1.00 21.89 ? 24 DG  B N9    1 
ATOM   477 C C8    . DG  B 1 12 ? 11.204  -3.033  18.637 1.00 24.01 ? 24 DG  B C8    1 
ATOM   478 N N7    . DG  B 1 12 ? 11.302  -3.935  17.725 1.00 23.26 ? 24 DG  B N7    1 
ATOM   479 C C5    . DG  B 1 12 ? 10.224  -4.738  17.970 1.00 16.36 ? 24 DG  B C5    1 
ATOM   480 C C6    . DG  B 1 12 ? 9.828   -5.861  17.273 1.00 19.37 ? 24 DG  B C6    1 
ATOM   481 O O6    . DG  B 1 12 ? 10.362  -6.359  16.290 1.00 18.45 ? 24 DG  B O6    1 
ATOM   482 N N1    . DG  B 1 12 ? 8.684   -6.390  17.804 1.00 19.02 ? 24 DG  B N1    1 
ATOM   483 C C2    . DG  B 1 12 ? 8.014   -5.881  18.877 1.00 18.90 ? 24 DG  B C2    1 
ATOM   484 N N2    . DG  B 1 12 ? 6.931   -6.537  19.247 1.00 23.54 ? 24 DG  B N2    1 
ATOM   485 N N3    . DG  B 1 12 ? 8.383   -4.805  19.550 1.00 17.02 ? 24 DG  B N3    1 
ATOM   486 C C4    . DG  B 1 12 ? 9.504   -4.287  19.035 1.00 18.39 ? 24 DG  B C4    1 
HETATM 487 C CA    . BGF C 2 .  ? 0.000   0.000   0.000  1.00 39.27 ? 25 BGF A CA    1 
HETATM 488 C CB    . BGF C 2 .  ? 1.055   -0.221  -0.884 1.00 43.60 ? 25 BGF A CB    1 
HETATM 489 C "CB'" . BGF C 2 .  ? 2.290   0.307   -0.315 1.00 42.30 ? 25 BGF A "CB'" 1 
HETATM 490 C "CA'" . BGF C 2 .  ? 1.905   0.821   0.901  1.00 38.97 ? 25 BGF A "CA'" 1 
HETATM 491 O O1    . BGF C 2 .  ? 0.503   0.655   1.123  1.00 44.21 ? 25 BGF A O1    1 
HETATM 492 C C1    . BGF C 2 .  ? -1.414  -0.303  -0.037 1.00 34.66 ? 25 BGF A C1    1 
HETATM 493 C C2    . BGF C 2 .  ? -2.309  0.236   0.886  1.00 34.74 ? 25 BGF A C2    1 
HETATM 494 C C3    . BGF C 2 .  ? -3.693  -0.014  0.769  1.00 32.91 ? 25 BGF A C3    1 
HETATM 495 C C4    . BGF C 2 .  ? -4.219  -0.810  -0.271 1.00 37.47 ? 25 BGF A C4    1 
HETATM 496 C C5    . BGF C 2 .  ? -3.304  -1.357  -1.184 1.00 39.15 ? 25 BGF A C5    1 
HETATM 497 C C6    . BGF C 2 .  ? -1.928  -1.092  -1.051 1.00 39.03 ? 25 BGF A C6    1 
HETATM 498 C C7    . BGF C 2 .  ? -5.683  -1.055  -0.467 1.00 36.43 ? 25 BGF A C7    1 
HETATM 499 N N1    . BGF C 2 .  ? -6.620  -0.242  -0.018 1.00 40.36 ? 25 BGF A N1    1 
HETATM 500 N N2    . BGF C 2 .  ? -6.162  -2.088  -1.120 1.00 38.41 ? 25 BGF A N2    1 
HETATM 501 C "C1'" . BGF C 2 .  ? 2.622   1.440   1.964  1.00 34.82 ? 25 BGF A "C1'" 1 
HETATM 502 C "C2'" . BGF C 2 .  ? 1.905   1.618   3.158  1.00 31.92 ? 25 BGF A "C2'" 1 
HETATM 503 C "C3'" . BGF C 2 .  ? 2.510   2.138   4.296  1.00 32.07 ? 25 BGF A "C3'" 1 
HETATM 504 C "C4'" . BGF C 2 .  ? 3.860   2.505   4.274  1.00 35.95 ? 25 BGF A "C4'" 1 
HETATM 505 C "C5'" . BGF C 2 .  ? 4.596   2.342   3.067  1.00 37.67 ? 25 BGF A "C5'" 1 
HETATM 506 C "C6'" . BGF C 2 .  ? 3.973   1.805   1.900  1.00 35.89 ? 25 BGF A "C6'" 1 
HETATM 507 C "C7'" . BGF C 2 .  ? 4.448   3.010   5.548  1.00 39.05 ? 25 BGF A "C7'" 1 
HETATM 508 N "N1'" . BGF C 2 .  ? 3.851   2.752   6.722  1.00 38.51 ? 25 BGF A "N1'" 1 
HETATM 509 N "N2'" . BGF C 2 .  ? 5.593   3.709   5.563  1.00 37.72 ? 25 BGF A "N2'" 1 
HETATM 510 O O     . HOH D 3 .  ? 7.552   8.263   1.792  1.00 42.88 ? 27 HOH A O     1 
HETATM 511 O O     . HOH D 3 .  ? -0.340  9.348   3.413  1.00 22.52 ? 29 HOH A O     1 
HETATM 512 O O     . HOH D 3 .  ? 2.315   -14.897 20.398 1.00 47.57 ? 30 HOH A O     1 
HETATM 513 O O     . HOH D 3 .  ? -0.629  10.309  0.966  1.00 22.71 ? 31 HOH A O     1 
HETATM 514 O O     . HOH D 3 .  ? -1.155  8.629   -0.916 1.00 24.31 ? 33 HOH A O     1 
HETATM 515 O O     . HOH D 3 .  ? 0.217   -10.416 14.355 1.00 28.93 ? 34 HOH A O     1 
HETATM 516 O O     . HOH D 3 .  ? -2.026  -4.195  11.688 1.00 18.64 ? 40 HOH A O     1 
HETATM 517 O O     . HOH D 3 .  ? -13.241 -3.968  -4.300 1.00 43.67 ? 41 HOH A O     1 
HETATM 518 O O     . HOH D 3 .  ? -0.752  9.033   8.978  1.00 39.78 ? 42 HOH A O     1 
HETATM 519 O O     . HOH D 3 .  ? -11.453 0.043   -1.534 1.00 45.54 ? 43 HOH A O     1 
HETATM 520 O O     . HOH D 3 .  ? -15.003 5.229   -8.263 1.00 28.50 ? 47 HOH A O     1 
HETATM 521 O O     . HOH D 3 .  ? -3.736  3.505   18.970 1.00 43.63 ? 49 HOH A O     1 
HETATM 522 O O     . HOH D 3 .  ? 3.825   -9.361  12.134 1.00 18.22 ? 50 HOH A O     1 
HETATM 523 O O     . HOH D 3 .  ? 1.121   -10.625 10.720 1.00 56.68 ? 51 HOH A O     1 
HETATM 524 O O     . HOH D 3 .  ? 6.113   -8.099  12.210 1.00 34.14 ? 52 HOH A O     1 
HETATM 525 O O     . HOH D 3 .  ? 2.563   4.209   -5.102 1.00 48.83 ? 53 HOH A O     1 
HETATM 526 O O     . HOH D 3 .  ? -3.590  5.504   13.848 1.00 33.71 ? 55 HOH A O     1 
HETATM 527 O O     . HOH D 3 .  ? 5.419   -9.150  10.048 1.00 10.31 ? 56 HOH A O     1 
HETATM 528 O O     . HOH D 3 .  ? -0.496  10.601  6.308  1.00 33.62 ? 57 HOH A O     1 
HETATM 529 O O     . HOH D 3 .  ? 0.083   10.930  -2.476 1.00 47.65 ? 58 HOH A O     1 
HETATM 530 O O     . HOH D 3 .  ? -9.294  9.383   -3.535 1.00 50.52 ? 59 HOH A O     1 
HETATM 531 O O     . HOH D 3 .  ? -2.217  5.184   20.533 1.00 40.87 ? 63 HOH A O     1 
HETATM 532 O O     . HOH D 3 .  ? -4.674  -4.235  -2.486 1.00 51.72 ? 64 HOH A O     1 
HETATM 533 O O     . HOH D 3 .  ? -11.730 -3.837  -8.384 1.00 48.71 ? 65 HOH A O     1 
HETATM 534 O O     . HOH D 3 .  ? -3.392  9.144   9.295  1.00 51.40 ? 66 HOH A O     1 
HETATM 535 O O     . HOH D 3 .  ? -4.332  -4.464  21.737 1.00 31.21 ? 67 HOH A O     1 
HETATM 536 O O     . HOH D 3 .  ? -4.584  6.218   18.432 1.00 50.17 ? 69 HOH A O     1 
HETATM 537 O O     . HOH D 3 .  ? -4.491  8.360   15.835 1.00 37.78 ? 70 HOH A O     1 
HETATM 538 O O     . HOH D 3 .  ? -0.371  -7.893  12.651 1.00 49.58 ? 71 HOH A O     1 
HETATM 539 O O     . HOH D 3 .  ? -5.608  -7.582  21.150 1.00 54.57 ? 73 HOH A O     1 
HETATM 540 O O     . HOH D 3 .  ? -4.170  6.408   8.876  1.00 57.75 ? 74 HOH A O     1 
HETATM 541 O O     . HOH D 3 .  ? -2.411  12.620  2.633  1.00 51.46 ? 76 HOH A O     1 
HETATM 542 O O     . HOH D 3 .  ? -3.353  -3.509  -5.783 1.00 58.04 ? 77 HOH A O     1 
HETATM 543 O O     . HOH D 3 .  ? -5.022  6.690   -5.219 1.00 53.92 ? 79 HOH A O     1 
HETATM 544 O O     . HOH E 3 .  ? 7.807   2.099   13.769 1.00 17.96 ? 26 HOH B O     1 
HETATM 545 O O     . HOH E 3 .  ? -7.791  9.303   3.615  1.00 35.78 ? 28 HOH B O     1 
HETATM 546 O O     . HOH E 3 .  ? -21.779 -1.836  6.390  1.00 51.67 ? 32 HOH B O     1 
HETATM 547 O O     . HOH E 3 .  ? -15.153 1.546   11.543 1.00 24.91 ? 35 HOH B O     1 
HETATM 548 O O     . HOH E 3 .  ? -12.599 -6.490  2.304  1.00 28.44 ? 36 HOH B O     1 
HETATM 549 O O     . HOH E 3 .  ? 12.159  2.300   3.541  1.00 30.32 ? 37 HOH B O     1 
HETATM 550 O O     . HOH E 3 .  ? 4.746   -1.809  -0.920 1.00 36.69 ? 38 HOH B O     1 
HETATM 551 O O     . HOH E 3 .  ? 14.185  -2.312  16.521 1.00 35.81 ? 39 HOH B O     1 
HETATM 552 O O     . HOH E 3 .  ? -8.685  5.359   8.355  1.00 26.95 ? 44 HOH B O     1 
HETATM 553 O O     . HOH E 3 .  ? -18.095 1.676   8.260  1.00 26.23 ? 45 HOH B O     1 
HETATM 554 O O     . HOH E 3 .  ? -11.049 18.587  -6.884 1.00 42.73 ? 46 HOH B O     1 
HETATM 555 O O     . HOH E 3 .  ? -16.136 -5.211  4.489  1.00 38.43 ? 48 HOH B O     1 
HETATM 556 O O     . HOH E 3 .  ? -15.164 -4.228  7.361  1.00 37.63 ? 54 HOH B O     1 
HETATM 557 O O     . HOH E 3 .  ? -20.820 0.142   8.409  1.00 43.91 ? 60 HOH B O     1 
HETATM 558 O O     . HOH E 3 .  ? 4.215   -6.920  10.203 1.00 48.66 ? 61 HOH B O     1 
HETATM 559 O O     . HOH E 3 .  ? -20.118 2.618   10.373 1.00 57.14 ? 62 HOH B O     1 
HETATM 560 O O     . HOH E 3 .  ? -17.160 -1.446  7.171  1.00 42.56 ? 68 HOH B O     1 
HETATM 561 O O     . HOH E 3 .  ? 13.523  4.003   9.676  1.00 47.67 ? 72 HOH B O     1 
HETATM 562 O O     . HOH E 3 .  ? 0.944   -6.991  9.516  1.00 45.14 ? 75 HOH B O     1 
HETATM 563 O O     . HOH E 3 .  ? -9.840  -7.734  4.859  1.00 58.15 ? 78 HOH B O     1 
# 
